data_2D3W
#
_entry.id   2D3W
#
_cell.length_a   78.529
_cell.length_b   46.677
_cell.length_c   149.318
_cell.angle_alpha   90
_cell.angle_beta   91.786
_cell.angle_gamma   90
#
_symmetry.space_group_name_H-M   'P 1 21 1'
#
loop_
_entity.id
_entity.type
_entity.pdbx_description
1 polymer 'Probable ATP-dependent transporter sufC'
2 water water
#
_entity_poly.entity_id   1
_entity_poly.type   'polypeptide(L)'
_entity_poly.pdbx_seq_one_letter_code
;MLSIKDLHVSVEDKAILRGLSLDVHPGEVHAIMGPNGSGKSTLSATLAGREDYEVTGGTVEFKGKDLLALSPEDRAGEGI
FMAFQYPVEIPGVSNQFFLQTALNAVRSYRGQETLDRFDFQDLMEEKIALLKMPEDLLTRSVNVGFSGGEKKRNDILQMA
VLEPELCILDESDSGLDIDALKVVADGVNSLRDGKRSFIIVTHYQRILDYIKPDYVHVLYQGRIVKSGDFTLVKQLEEQG
YGWLTEQQ
;
_entity_poly.pdbx_strand_id   A,B,C,D
#
# COMPACT_ATOMS: atom_id res chain seq x y z
N MET A 1 -22.80 55.61 8.41
CA MET A 1 -22.44 54.17 8.42
C MET A 1 -20.92 54.04 8.33
N LEU A 2 -20.34 54.36 7.17
CA LEU A 2 -18.90 54.28 6.99
C LEU A 2 -18.22 55.61 6.73
N SER A 3 -17.32 56.02 7.63
CA SER A 3 -16.63 57.26 7.44
C SER A 3 -15.12 57.03 7.35
N ILE A 4 -14.54 57.36 6.20
CA ILE A 4 -13.10 57.21 5.98
C ILE A 4 -12.52 58.60 5.85
N LYS A 5 -11.66 58.98 6.79
CA LYS A 5 -11.09 60.32 6.74
C LYS A 5 -9.57 60.29 6.68
N ASP A 6 -9.06 60.87 5.61
CA ASP A 6 -7.62 60.99 5.39
C ASP A 6 -6.87 59.67 5.60
N LEU A 7 -7.25 58.64 4.86
CA LEU A 7 -6.61 57.35 5.02
C LEU A 7 -5.33 57.10 4.18
N HIS A 8 -4.24 56.77 4.86
CA HIS A 8 -2.96 56.49 4.21
C HIS A 8 -2.63 55.01 4.42
N VAL A 9 -2.36 54.28 3.35
CA VAL A 9 -2.07 52.84 3.43
C VAL A 9 -0.92 52.41 2.53
N SER A 10 -0.02 51.60 3.09
CA SER A 10 1.14 51.14 2.35
C SER A 10 1.20 49.62 2.24
N VAL A 11 1.59 49.14 1.07
CA VAL A 11 1.71 47.71 0.86
C VAL A 11 3.15 47.34 0.53
N GLU A 12 3.71 46.40 1.29
CA GLU A 12 5.08 45.96 1.11
C GLU A 12 6.02 47.16 1.14
N ASP A 13 5.59 48.22 1.85
CA ASP A 13 6.34 49.46 2.01
C ASP A 13 6.28 50.48 0.86
N LYS A 14 5.35 50.29 -0.07
CA LYS A 14 5.19 51.23 -1.18
C LYS A 14 3.83 51.92 -1.03
N ALA A 15 3.84 53.17 -0.56
CA ALA A 15 2.61 53.93 -0.34
C ALA A 15 1.57 53.84 -1.47
N ILE A 16 0.39 53.29 -1.17
CA ILE A 16 -0.68 53.20 -2.17
C ILE A 16 -1.77 54.24 -1.97
N LEU A 17 -2.42 54.24 -0.81
CA LEU A 17 -3.46 55.24 -0.56
C LEU A 17 -2.80 56.43 0.13
N ARG A 18 -3.08 57.62 -0.39
CA ARG A 18 -2.47 58.82 0.15
C ARG A 18 -3.41 59.91 0.65
N GLY A 19 -4.15 59.61 1.71
CA GLY A 19 -5.08 60.58 2.27
C GLY A 19 -6.45 60.51 1.61
N LEU A 20 -7.00 59.30 1.49
CA LEU A 20 -8.32 59.09 0.89
C LEU A 20 -9.45 59.32 1.89
N SER A 21 -10.47 60.06 1.47
CA SER A 21 -11.61 60.32 2.36
C SER A 21 -12.87 59.91 1.63
N LEU A 22 -13.80 59.28 2.33
CA LEU A 22 -15.05 58.82 1.72
C LEU A 22 -16.08 58.59 2.81
N ASP A 23 -17.33 58.97 2.52
CA ASP A 23 -18.43 58.75 3.45
C ASP A 23 -19.44 57.94 2.66
N VAL A 24 -19.98 56.90 3.28
CA VAL A 24 -21.00 56.13 2.60
C VAL A 24 -22.06 55.92 3.66
N HIS A 25 -23.30 56.24 3.32
CA HIS A 25 -24.47 56.12 4.21
C HIS A 25 -25.39 54.99 3.78
N PRO A 26 -26.40 54.62 4.60
CA PRO A 26 -27.33 53.54 4.29
C PRO A 26 -28.04 53.61 2.96
N GLY A 27 -28.09 52.49 2.26
CA GLY A 27 -28.80 52.43 1.00
C GLY A 27 -28.17 53.05 -0.22
N GLU A 28 -26.91 53.44 -0.14
CA GLU A 28 -26.25 54.02 -1.31
C GLU A 28 -25.32 52.96 -1.91
N VAL A 29 -25.13 53.02 -3.21
CA VAL A 29 -24.23 52.11 -3.93
C VAL A 29 -23.12 53.03 -4.47
N HIS A 30 -21.85 52.73 -4.15
CA HIS A 30 -20.71 53.56 -4.61
C HIS A 30 -19.72 52.81 -5.49
N ALA A 31 -19.54 53.27 -6.71
CA ALA A 31 -18.60 52.61 -7.59
C ALA A 31 -17.27 53.35 -7.55
N ILE A 32 -16.18 52.62 -7.33
CA ILE A 32 -14.85 53.20 -7.27
C ILE A 32 -14.16 52.87 -8.58
N MET A 33 -13.71 53.91 -9.28
CA MET A 33 -13.06 53.76 -10.57
C MET A 33 -11.71 54.45 -10.53
N GLY A 34 -10.83 54.07 -11.46
CA GLY A 34 -9.51 54.65 -11.52
C GLY A 34 -8.49 53.70 -12.12
N PRO A 35 -7.35 54.22 -12.61
CA PRO A 35 -6.30 53.37 -13.20
C PRO A 35 -5.90 52.21 -12.29
N ASN A 36 -5.59 51.09 -12.92
CA ASN A 36 -5.21 49.87 -12.21
C ASN A 36 -4.03 50.12 -11.28
N GLY A 37 -3.69 49.10 -10.49
CA GLY A 37 -2.58 49.23 -9.58
C GLY A 37 -2.73 50.37 -8.59
N SER A 38 -3.69 51.27 -8.83
CA SER A 38 -3.90 52.38 -7.92
C SER A 38 -4.58 51.92 -6.64
N GLY A 39 -4.92 52.89 -5.81
CA GLY A 39 -5.54 52.59 -4.53
C GLY A 39 -6.89 51.91 -4.48
N LYS A 40 -7.64 51.88 -5.59
CA LYS A 40 -8.96 51.28 -5.53
C LYS A 40 -8.97 49.88 -4.92
N SER A 41 -8.14 48.98 -5.41
CA SER A 41 -8.12 47.64 -4.87
C SER A 41 -7.56 47.55 -3.45
N THR A 42 -6.55 48.35 -3.13
CA THR A 42 -6.00 48.27 -1.80
C THR A 42 -7.02 48.87 -0.84
N LEU A 43 -7.93 49.68 -1.38
CA LEU A 43 -8.96 50.30 -0.57
C LEU A 43 -9.96 49.23 -0.10
N SER A 44 -10.28 48.28 -0.97
CA SER A 44 -11.24 47.24 -0.62
C SER A 44 -10.64 46.24 0.37
N ALA A 45 -9.37 45.89 0.18
CA ALA A 45 -8.70 44.96 1.08
C ALA A 45 -8.44 45.55 2.45
N THR A 46 -8.28 46.86 2.54
CA THR A 46 -8.04 47.46 3.84
C THR A 46 -9.30 47.50 4.66
N LEU A 47 -10.45 47.56 4.01
CA LEU A 47 -11.70 47.58 4.75
C LEU A 47 -12.04 46.19 5.25
N ALA A 48 -11.98 45.20 4.36
CA ALA A 48 -12.29 43.84 4.74
C ALA A 48 -11.30 43.30 5.78
N GLY A 49 -10.12 43.91 5.85
CA GLY A 49 -9.12 43.47 6.81
C GLY A 49 -8.44 42.15 6.46
N ARG A 50 -8.83 41.55 5.33
CA ARG A 50 -8.24 40.29 4.88
C ARG A 50 -6.76 40.60 4.65
N GLU A 51 -5.88 39.70 5.07
CA GLU A 51 -4.44 39.90 4.92
C GLU A 51 -4.03 41.37 4.92
N ASP A 52 -4.78 42.18 5.69
CA ASP A 52 -4.57 43.63 5.81
C ASP A 52 -3.11 44.04 5.66
N TYR A 53 -2.91 45.27 5.17
CA TYR A 53 -1.58 45.81 4.95
C TYR A 53 -1.10 46.67 6.11
N GLU A 54 -0.53 47.83 5.79
CA GLU A 54 -0.01 48.73 6.81
C GLU A 54 -0.63 50.11 6.72
N VAL A 55 -1.53 50.43 7.65
CA VAL A 55 -2.16 51.75 7.67
C VAL A 55 -1.23 52.74 8.35
N THR A 56 -0.65 53.65 7.56
CA THR A 56 0.26 54.64 8.09
C THR A 56 -0.44 55.77 8.81
N GLY A 57 -1.58 56.20 8.28
CA GLY A 57 -2.31 57.28 8.91
C GLY A 57 -3.74 57.38 8.46
N GLY A 58 -4.54 58.07 9.25
CA GLY A 58 -5.94 58.22 8.90
C GLY A 58 -6.82 57.36 9.77
N THR A 59 -8.13 57.56 9.62
CA THR A 59 -9.12 56.85 10.40
C THR A 59 -10.26 56.23 9.57
N VAL A 60 -10.84 55.15 10.09
CA VAL A 60 -12.00 54.51 9.45
C VAL A 60 -13.03 54.13 10.53
N GLU A 61 -14.19 54.76 10.46
CA GLU A 61 -15.24 54.46 11.40
C GLU A 61 -16.41 53.81 10.68
N PHE A 62 -17.01 52.82 11.35
CA PHE A 62 -18.16 52.09 10.85
C PHE A 62 -19.18 52.15 11.95
N LYS A 63 -20.40 52.54 11.65
CA LYS A 63 -21.46 52.64 12.64
C LYS A 63 -20.97 53.29 13.94
N GLY A 64 -20.03 54.22 13.83
CA GLY A 64 -19.52 54.91 15.01
C GLY A 64 -18.34 54.29 15.76
N LYS A 65 -17.70 53.28 15.18
CA LYS A 65 -16.57 52.68 15.88
C LYS A 65 -15.32 52.63 14.99
N ASP A 66 -14.16 52.43 15.61
CA ASP A 66 -12.90 52.36 14.88
C ASP A 66 -12.77 50.97 14.28
N LEU A 67 -13.07 50.88 12.99
CA LEU A 67 -13.05 49.62 12.26
C LEU A 67 -11.66 48.97 12.18
N LEU A 68 -10.63 49.82 12.20
CA LEU A 68 -9.26 49.34 12.06
C LEU A 68 -8.75 48.67 13.34
N ALA A 69 -9.53 48.72 14.41
CA ALA A 69 -9.16 48.10 15.68
C ALA A 69 -9.69 46.66 15.74
N LEU A 70 -10.54 46.32 14.78
CA LEU A 70 -11.14 45.00 14.73
C LEU A 70 -10.48 44.04 13.74
N SER A 71 -10.44 42.78 14.13
CA SER A 71 -9.88 41.72 13.31
C SER A 71 -10.82 41.54 12.12
N PRO A 72 -10.35 40.86 11.07
CA PRO A 72 -11.18 40.63 9.87
C PRO A 72 -12.50 39.98 10.22
N GLU A 73 -12.47 39.06 11.18
CA GLU A 73 -13.68 38.35 11.61
C GLU A 73 -14.69 39.23 12.34
N ASP A 74 -14.22 40.05 13.28
CA ASP A 74 -15.11 40.92 14.04
C ASP A 74 -15.79 41.93 13.15
N ARG A 75 -15.10 42.32 12.10
CA ARG A 75 -15.63 43.28 11.16
C ARG A 75 -16.74 42.62 10.35
N ALA A 76 -16.70 41.30 10.24
CA ALA A 76 -17.75 40.62 9.51
C ALA A 76 -18.93 40.57 10.46
N GLY A 77 -18.63 40.42 11.74
CA GLY A 77 -19.69 40.38 12.71
C GLY A 77 -20.30 41.76 12.86
N GLU A 78 -19.49 42.79 12.62
CA GLU A 78 -19.95 44.16 12.77
C GLU A 78 -20.85 44.54 11.60
N GLY A 79 -20.86 43.69 10.58
CA GLY A 79 -21.71 43.94 9.44
C GLY A 79 -21.01 44.10 8.11
N ILE A 80 -19.68 44.19 8.12
CA ILE A 80 -18.94 44.35 6.87
C ILE A 80 -18.69 42.99 6.25
N PHE A 81 -19.00 42.91 4.95
CA PHE A 81 -18.88 41.69 4.16
C PHE A 81 -18.10 41.83 2.85
N MET A 82 -17.31 40.81 2.56
CA MET A 82 -16.54 40.70 1.31
C MET A 82 -16.62 39.20 1.01
N ALA A 83 -16.89 38.83 -0.23
CA ALA A 83 -17.01 37.42 -0.55
C ALA A 83 -15.75 36.64 -0.15
N PHE A 84 -15.91 35.35 0.13
CA PHE A 84 -14.81 34.48 0.52
C PHE A 84 -14.84 33.13 -0.17
N GLN A 85 -13.79 32.36 -0.03
CA GLN A 85 -13.80 31.05 -0.63
C GLN A 85 -14.21 30.03 0.39
N TYR A 86 -14.90 28.99 -0.05
CA TYR A 86 -15.31 27.92 0.85
C TYR A 86 -14.09 27.07 1.07
N PRO A 87 -13.92 26.52 2.30
CA PRO A 87 -12.76 25.67 2.61
C PRO A 87 -12.80 24.45 1.68
N VAL A 88 -11.62 24.02 1.22
CA VAL A 88 -11.53 22.92 0.30
C VAL A 88 -11.37 21.55 0.88
N GLU A 89 -12.38 20.73 0.64
CA GLU A 89 -12.40 19.34 1.07
C GLU A 89 -12.00 19.04 2.51
N ILE A 90 -12.66 19.67 3.47
CA ILE A 90 -12.40 19.33 4.85
C ILE A 90 -13.55 18.37 5.15
N PRO A 91 -13.23 17.16 5.60
CA PRO A 91 -14.31 16.19 5.89
C PRO A 91 -15.45 16.74 6.75
N GLY A 92 -16.68 16.40 6.36
CA GLY A 92 -17.84 16.84 7.10
C GLY A 92 -18.06 18.35 7.00
N VAL A 93 -17.31 19.02 6.12
CA VAL A 93 -17.47 20.45 5.97
C VAL A 93 -17.88 20.86 4.57
N SER A 94 -19.17 20.81 4.29
CA SER A 94 -19.69 21.20 2.96
C SER A 94 -19.91 22.72 2.92
N ASN A 95 -20.06 23.23 1.70
CA ASN A 95 -20.29 24.65 1.50
C ASN A 95 -21.50 25.16 2.29
N GLN A 96 -22.59 24.41 2.22
CA GLN A 96 -23.76 24.82 2.96
C GLN A 96 -23.43 24.78 4.43
N PHE A 97 -22.68 23.77 4.83
CA PHE A 97 -22.33 23.63 6.23
C PHE A 97 -21.54 24.84 6.67
N PHE A 98 -20.54 25.20 5.89
CA PHE A 98 -19.72 26.32 6.23
C PHE A 98 -20.49 27.62 6.30
N LEU A 99 -21.34 27.84 5.31
CA LEU A 99 -22.14 29.05 5.23
C LEU A 99 -22.98 29.17 6.48
N GLN A 100 -23.67 28.09 6.82
CA GLN A 100 -24.51 28.09 7.99
C GLN A 100 -23.71 28.46 9.20
N THR A 101 -22.50 27.92 9.29
CA THR A 101 -21.68 28.21 10.46
C THR A 101 -21.11 29.64 10.40
N ALA A 102 -20.87 30.17 9.21
CA ALA A 102 -20.37 31.53 9.11
C ALA A 102 -21.53 32.48 9.51
N LEU A 103 -22.73 32.12 9.08
CA LEU A 103 -23.90 32.92 9.39
C LEU A 103 -24.14 32.92 10.89
N ASN A 104 -24.09 31.75 11.53
CA ASN A 104 -24.32 31.67 12.96
C ASN A 104 -23.31 32.41 13.82
N ALA A 105 -22.05 32.40 13.39
CA ALA A 105 -20.99 33.09 14.13
C ALA A 105 -21.22 34.60 14.05
N VAL A 106 -21.83 35.03 12.97
CA VAL A 106 -22.14 36.44 12.77
C VAL A 106 -23.37 36.77 13.61
N ARG A 107 -24.31 35.83 13.67
CA ARG A 107 -25.53 36.03 14.46
C ARG A 107 -25.15 36.14 15.95
N SER A 108 -24.26 35.24 16.41
CA SER A 108 -23.83 35.23 17.82
C SER A 108 -23.13 36.52 18.19
N TYR A 109 -22.16 36.89 17.36
CA TYR A 109 -21.41 38.11 17.57
C TYR A 109 -22.42 39.25 17.76
N ARG A 110 -23.47 39.24 16.96
CA ARG A 110 -24.52 40.25 16.99
C ARG A 110 -25.54 40.05 18.12
N GLY A 111 -25.40 38.96 18.86
CA GLY A 111 -26.34 38.68 19.94
C GLY A 111 -27.69 38.18 19.44
N GLN A 112 -27.82 37.93 18.15
CA GLN A 112 -29.07 37.44 17.58
C GLN A 112 -29.23 35.95 17.79
N GLU A 113 -30.42 35.43 17.50
CA GLU A 113 -30.69 33.99 17.63
C GLU A 113 -30.03 33.21 16.52
N THR A 114 -29.36 32.11 16.86
CA THR A 114 -28.74 31.36 15.79
C THR A 114 -29.81 30.55 15.06
N LEU A 115 -29.38 29.83 14.03
CA LEU A 115 -30.29 29.04 13.21
C LEU A 115 -29.91 27.57 13.16
N ASP A 116 -30.90 26.72 13.45
CA ASP A 116 -30.65 25.29 13.39
C ASP A 116 -30.69 24.83 11.93
N ARG A 117 -30.38 23.57 11.68
CA ARG A 117 -30.34 23.06 10.33
C ARG A 117 -31.62 23.13 9.52
N PHE A 118 -32.77 23.28 10.17
CA PHE A 118 -34.03 23.35 9.44
C PHE A 118 -34.30 24.76 9.03
N ASP A 119 -34.17 25.67 9.99
CA ASP A 119 -34.39 27.08 9.76
C ASP A 119 -33.38 27.61 8.76
N PHE A 120 -32.16 27.11 8.84
CA PHE A 120 -31.15 27.55 7.90
C PHE A 120 -31.56 27.15 6.49
N GLN A 121 -31.82 25.86 6.27
CA GLN A 121 -32.23 25.37 4.95
C GLN A 121 -33.31 26.24 4.32
N ASP A 122 -34.21 26.76 5.15
CA ASP A 122 -35.28 27.61 4.68
C ASP A 122 -34.78 28.98 4.26
N LEU A 123 -33.83 29.54 5.02
CA LEU A 123 -33.27 30.84 4.64
C LEU A 123 -32.64 30.61 3.27
N MET A 124 -31.84 29.55 3.20
CA MET A 124 -31.18 29.18 1.98
C MET A 124 -32.12 29.12 0.78
N GLU A 125 -33.03 28.14 0.78
CA GLU A 125 -33.97 28.02 -0.32
C GLU A 125 -34.55 29.41 -0.63
N GLU A 126 -34.98 30.09 0.42
CA GLU A 126 -35.56 31.42 0.32
C GLU A 126 -34.68 32.31 -0.54
N LYS A 127 -33.41 32.48 -0.16
CA LYS A 127 -32.49 33.32 -0.91
C LYS A 127 -32.22 32.82 -2.32
N ILE A 128 -31.92 31.54 -2.46
CA ILE A 128 -31.68 31.00 -3.79
C ILE A 128 -32.87 31.34 -4.70
N ALA A 129 -34.08 31.32 -4.13
CA ALA A 129 -35.27 31.65 -4.89
C ALA A 129 -35.16 33.11 -5.29
N LEU A 130 -35.05 33.99 -4.30
CA LEU A 130 -34.94 35.42 -4.55
C LEU A 130 -33.99 35.74 -5.71
N LEU A 131 -32.77 35.21 -5.67
CA LEU A 131 -31.79 35.47 -6.72
C LEU A 131 -31.99 34.62 -7.96
N LYS A 132 -33.03 33.78 -7.99
CA LYS A 132 -33.27 32.92 -9.15
C LYS A 132 -31.98 32.14 -9.49
N MET A 133 -31.34 31.65 -8.43
CA MET A 133 -30.12 30.89 -8.58
C MET A 133 -30.37 29.37 -8.64
N PRO A 134 -29.49 28.60 -9.32
CA PRO A 134 -29.68 27.14 -9.40
C PRO A 134 -29.86 26.58 -7.98
N GLU A 135 -30.73 25.59 -7.79
CA GLU A 135 -30.94 25.11 -6.44
C GLU A 135 -29.83 24.27 -5.85
N ASP A 136 -29.01 23.66 -6.69
CA ASP A 136 -27.90 22.87 -6.20
C ASP A 136 -26.62 23.65 -6.42
N LEU A 137 -26.70 24.95 -6.23
CA LEU A 137 -25.54 25.82 -6.42
C LEU A 137 -24.36 25.46 -5.51
N LEU A 138 -24.66 25.15 -4.25
CA LEU A 138 -23.61 24.80 -3.29
C LEU A 138 -22.94 23.42 -3.52
N THR A 139 -23.54 22.58 -4.36
CA THR A 139 -22.99 21.27 -4.67
C THR A 139 -22.65 21.05 -6.17
N ARG A 140 -23.33 21.74 -7.08
CA ARG A 140 -23.09 21.52 -8.51
C ARG A 140 -21.66 21.85 -8.91
N SER A 141 -21.30 21.50 -10.15
CA SER A 141 -19.98 21.75 -10.71
C SER A 141 -20.26 22.21 -12.15
N VAL A 142 -19.34 22.95 -12.80
CA VAL A 142 -19.63 23.41 -14.15
C VAL A 142 -18.41 23.51 -15.07
N ASN A 143 -18.67 23.54 -16.39
CA ASN A 143 -17.58 23.67 -17.35
C ASN A 143 -16.93 25.06 -17.29
N VAL A 144 -15.68 25.11 -17.69
CA VAL A 144 -14.92 26.36 -17.63
C VAL A 144 -15.66 27.50 -18.32
N GLY A 145 -16.38 27.19 -19.38
CA GLY A 145 -17.11 28.25 -20.06
C GLY A 145 -18.00 29.05 -19.11
N PHE A 146 -18.48 28.41 -18.05
CA PHE A 146 -19.36 29.06 -17.08
C PHE A 146 -18.63 29.33 -15.77
N SER A 147 -17.37 28.96 -15.71
CA SER A 147 -16.52 29.16 -14.53
C SER A 147 -16.63 30.57 -13.91
N GLY A 148 -16.29 31.60 -14.69
CA GLY A 148 -16.37 32.97 -14.20
C GLY A 148 -17.67 33.35 -13.50
N GLY A 149 -18.79 33.18 -14.18
CA GLY A 149 -20.07 33.51 -13.58
C GLY A 149 -20.46 32.63 -12.41
N GLU A 150 -20.00 31.39 -12.42
CA GLU A 150 -20.32 30.48 -11.33
C GLU A 150 -19.74 31.00 -10.04
N LYS A 151 -18.60 31.67 -10.12
CA LYS A 151 -17.93 32.20 -8.95
C LYS A 151 -18.70 33.37 -8.37
N LYS A 152 -19.19 34.26 -9.24
CA LYS A 152 -19.94 35.40 -8.75
C LYS A 152 -21.29 34.99 -8.16
N ARG A 153 -21.88 33.89 -8.65
CA ARG A 153 -23.16 33.43 -8.13
C ARG A 153 -22.92 32.96 -6.71
N ASN A 154 -21.77 32.33 -6.49
CA ASN A 154 -21.49 31.91 -5.13
C ASN A 154 -21.27 33.12 -4.25
N ASP A 155 -20.60 34.16 -4.76
CA ASP A 155 -20.36 35.37 -3.97
C ASP A 155 -21.68 36.11 -3.72
N ILE A 156 -22.51 36.22 -4.76
CA ILE A 156 -23.79 36.89 -4.59
C ILE A 156 -24.61 36.11 -3.55
N LEU A 157 -24.63 34.78 -3.62
CA LEU A 157 -25.40 34.01 -2.64
C LEU A 157 -24.94 34.21 -1.17
N GLN A 158 -23.62 34.29 -0.92
CA GLN A 158 -23.13 34.51 0.45
C GLN A 158 -23.59 35.88 0.93
N MET A 159 -23.60 36.84 0.03
CA MET A 159 -24.02 38.19 0.35
C MET A 159 -25.48 38.21 0.79
N ALA A 160 -26.35 37.58 0.02
CA ALA A 160 -27.75 37.59 0.38
C ALA A 160 -27.98 36.88 1.69
N VAL A 161 -27.27 35.76 1.88
CA VAL A 161 -27.41 34.93 3.06
C VAL A 161 -26.90 35.51 4.37
N LEU A 162 -25.74 36.13 4.36
CA LEU A 162 -25.17 36.67 5.58
C LEU A 162 -25.78 37.97 6.12
N GLU A 163 -26.72 38.57 5.40
CA GLU A 163 -27.33 39.80 5.90
C GLU A 163 -26.23 40.83 6.19
N PRO A 164 -25.57 41.36 5.16
CA PRO A 164 -24.53 42.33 5.50
C PRO A 164 -25.09 43.77 5.45
N GLU A 165 -24.45 44.71 6.14
CA GLU A 165 -24.92 46.10 6.10
C GLU A 165 -24.14 46.83 5.02
N LEU A 166 -22.85 46.54 4.96
CA LEU A 166 -21.96 47.14 3.99
C LEU A 166 -21.24 46.06 3.17
N CYS A 167 -21.60 45.96 1.89
CA CYS A 167 -20.99 44.98 1.00
C CYS A 167 -19.88 45.55 0.12
N ILE A 168 -18.72 44.91 0.16
CA ILE A 168 -17.57 45.32 -0.63
C ILE A 168 -17.35 44.29 -1.71
N LEU A 169 -17.44 44.74 -2.96
CA LEU A 169 -17.27 43.85 -4.09
C LEU A 169 -16.11 44.32 -4.93
N ASP A 170 -15.11 43.46 -5.10
CA ASP A 170 -13.95 43.83 -5.89
C ASP A 170 -14.05 43.20 -7.25
N GLU A 171 -14.40 44.03 -8.22
CA GLU A 171 -14.56 43.60 -9.60
C GLU A 171 -13.49 44.24 -10.48
N SER A 172 -12.30 44.46 -9.93
CA SER A 172 -11.22 45.07 -10.68
C SER A 172 -10.42 44.04 -11.45
N ASP A 173 -11.01 42.86 -11.65
CA ASP A 173 -10.37 41.77 -12.38
C ASP A 173 -10.69 41.87 -13.86
N SER A 174 -9.66 41.74 -14.70
CA SER A 174 -9.84 41.83 -16.13
C SER A 174 -10.20 40.50 -16.81
N GLY A 175 -10.65 40.60 -18.05
CA GLY A 175 -11.01 39.42 -18.80
C GLY A 175 -12.24 38.74 -18.26
N LEU A 176 -13.02 39.48 -17.47
CA LEU A 176 -14.25 38.95 -16.89
C LEU A 176 -15.33 38.72 -17.94
N ASP A 177 -16.11 37.68 -17.76
CA ASP A 177 -17.18 37.36 -18.70
C ASP A 177 -18.32 38.35 -18.54
N ILE A 178 -19.11 38.52 -19.60
CA ILE A 178 -20.25 39.43 -19.56
C ILE A 178 -21.32 38.70 -18.78
N ASP A 179 -21.17 37.38 -18.70
CA ASP A 179 -22.11 36.56 -17.96
C ASP A 179 -21.88 36.87 -16.50
N ALA A 180 -20.62 36.86 -16.09
CA ALA A 180 -20.23 37.15 -14.70
C ALA A 180 -20.70 38.53 -14.26
N LEU A 181 -20.40 39.53 -15.08
CA LEU A 181 -20.75 40.91 -14.81
C LEU A 181 -22.24 41.09 -14.58
N LYS A 182 -23.05 40.28 -15.25
CA LYS A 182 -24.49 40.38 -15.12
C LYS A 182 -24.99 39.78 -13.81
N VAL A 183 -24.40 38.68 -13.34
CA VAL A 183 -24.86 38.10 -12.08
C VAL A 183 -24.60 39.04 -10.92
N VAL A 184 -23.57 39.86 -11.02
CA VAL A 184 -23.24 40.81 -9.97
C VAL A 184 -24.16 42.02 -10.05
N ALA A 185 -24.45 42.49 -11.26
CA ALA A 185 -25.33 43.63 -11.46
C ALA A 185 -26.70 43.22 -10.94
N ASP A 186 -27.12 42.03 -11.34
CA ASP A 186 -28.40 41.50 -10.93
C ASP A 186 -28.44 41.24 -9.42
N GLY A 187 -27.36 40.68 -8.87
CA GLY A 187 -27.33 40.38 -7.45
C GLY A 187 -27.49 41.62 -6.62
N VAL A 188 -26.73 42.64 -6.95
CA VAL A 188 -26.80 43.89 -6.24
C VAL A 188 -28.21 44.50 -6.35
N ASN A 189 -28.81 44.47 -7.54
CA ASN A 189 -30.15 45.03 -7.68
C ASN A 189 -31.12 44.27 -6.75
N SER A 190 -31.06 42.95 -6.78
CA SER A 190 -31.93 42.12 -5.95
C SER A 190 -31.81 42.39 -4.46
N LEU A 191 -30.60 42.62 -3.99
CA LEU A 191 -30.33 42.84 -2.56
C LEU A 191 -30.26 44.32 -2.22
N ARG A 192 -30.65 45.14 -3.19
CA ARG A 192 -30.60 46.58 -3.01
C ARG A 192 -31.81 47.14 -2.27
N ASP A 193 -31.98 46.75 -1.01
CA ASP A 193 -33.08 47.30 -0.21
C ASP A 193 -32.62 48.72 0.15
N GLY A 194 -33.40 49.45 0.93
CA GLY A 194 -33.01 50.81 1.25
C GLY A 194 -32.23 51.02 2.53
N LYS A 195 -31.59 49.96 3.03
CA LYS A 195 -30.87 50.08 4.27
C LYS A 195 -29.42 49.61 4.26
N ARG A 196 -29.00 48.84 3.26
CA ARG A 196 -27.61 48.39 3.19
C ARG A 196 -26.87 49.12 2.06
N SER A 197 -25.55 49.29 2.23
CA SER A 197 -24.74 49.99 1.25
C SER A 197 -23.81 49.02 0.54
N PHE A 198 -23.25 49.49 -0.57
CA PHE A 198 -22.36 48.68 -1.39
C PHE A 198 -21.21 49.53 -1.87
N ILE A 199 -20.02 48.93 -1.91
CA ILE A 199 -18.83 49.61 -2.43
C ILE A 199 -18.32 48.64 -3.49
N ILE A 200 -18.47 49.01 -4.75
CA ILE A 200 -18.07 48.17 -5.85
C ILE A 200 -16.84 48.76 -6.52
N VAL A 201 -15.76 48.00 -6.55
CA VAL A 201 -14.57 48.50 -7.18
C VAL A 201 -14.60 47.81 -8.52
N THR A 202 -14.85 48.59 -9.57
CA THR A 202 -14.91 48.04 -10.91
C THR A 202 -14.65 49.05 -12.00
N HIS A 203 -13.37 49.36 -12.17
CA HIS A 203 -12.97 50.29 -13.22
C HIS A 203 -12.56 49.43 -14.40
N TYR A 204 -12.26 48.17 -14.12
CA TYR A 204 -11.85 47.24 -15.15
C TYR A 204 -13.05 47.04 -16.04
N GLN A 205 -14.20 47.55 -15.58
CA GLN A 205 -15.41 47.40 -16.36
C GLN A 205 -16.54 48.40 -16.38
N ARG A 206 -17.63 47.89 -16.95
CA ARG A 206 -18.84 48.62 -17.28
C ARG A 206 -20.14 48.12 -16.65
N ILE A 207 -20.14 47.60 -15.40
CA ILE A 207 -21.37 47.10 -14.83
C ILE A 207 -22.17 48.17 -14.18
N LEU A 208 -21.59 49.35 -14.22
CA LEU A 208 -22.25 50.50 -13.70
C LEU A 208 -23.45 50.79 -14.56
N ASP A 209 -23.31 50.59 -15.88
CA ASP A 209 -24.40 50.84 -16.84
C ASP A 209 -25.63 49.98 -16.45
N TYR A 210 -25.37 48.82 -15.84
CA TYR A 210 -26.37 47.89 -15.36
C TYR A 210 -27.04 48.34 -14.02
N ILE A 211 -26.28 48.75 -13.00
CA ILE A 211 -26.89 49.06 -11.69
C ILE A 211 -27.17 50.48 -11.20
N LYS A 212 -26.80 51.48 -11.98
CA LYS A 212 -27.06 52.85 -11.53
C LYS A 212 -26.55 53.20 -10.12
N PRO A 213 -25.26 53.43 -9.99
CA PRO A 213 -24.67 53.79 -8.68
C PRO A 213 -25.25 55.10 -8.14
N ASP A 214 -25.17 55.32 -6.84
CA ASP A 214 -25.66 56.57 -6.30
C ASP A 214 -24.51 57.54 -6.39
N TYR A 215 -23.30 57.02 -6.23
CA TYR A 215 -22.13 57.82 -6.34
C TYR A 215 -21.13 57.05 -7.17
N VAL A 216 -20.18 57.77 -7.78
CA VAL A 216 -19.12 57.20 -8.61
C VAL A 216 -17.91 58.00 -8.23
N HIS A 217 -16.92 57.38 -7.59
CA HIS A 217 -15.73 58.10 -7.21
C HIS A 217 -14.61 57.65 -8.11
N VAL A 218 -13.76 58.58 -8.54
CA VAL A 218 -12.62 58.23 -9.39
C VAL A 218 -11.37 58.34 -8.53
N LEU A 219 -10.76 57.18 -8.28
CA LEU A 219 -9.57 57.10 -7.45
C LEU A 219 -8.32 57.26 -8.32
N TYR A 220 -7.43 58.15 -7.88
CA TYR A 220 -6.20 58.43 -8.62
C TYR A 220 -5.01 58.77 -7.72
N GLN A 221 -3.90 58.06 -7.91
CA GLN A 221 -2.69 58.27 -7.13
C GLN A 221 -2.97 58.00 -5.66
N GLY A 222 -3.95 57.15 -5.37
CA GLY A 222 -4.26 56.83 -3.99
C GLY A 222 -5.28 57.74 -3.32
N ARG A 223 -5.80 58.71 -4.07
CA ARG A 223 -6.79 59.64 -3.52
C ARG A 223 -8.06 59.71 -4.37
N ILE A 224 -9.21 59.92 -3.73
CA ILE A 224 -10.43 60.04 -4.51
C ILE A 224 -10.42 61.43 -5.13
N VAL A 225 -10.17 61.47 -6.43
CA VAL A 225 -10.07 62.74 -7.14
C VAL A 225 -11.39 63.43 -7.47
N LYS A 226 -12.30 62.70 -8.11
CA LYS A 226 -13.58 63.25 -8.46
C LYS A 226 -14.67 62.22 -8.19
N SER A 227 -15.89 62.72 -8.00
CA SER A 227 -17.01 61.87 -7.75
C SER A 227 -18.29 62.62 -8.03
N GLY A 228 -19.29 61.90 -8.53
CA GLY A 228 -20.57 62.49 -8.83
C GLY A 228 -21.61 61.41 -8.73
N ASP A 229 -22.47 61.27 -9.74
CA ASP A 229 -23.49 60.23 -9.72
C ASP A 229 -23.37 59.32 -10.95
N PHE A 230 -24.40 58.53 -11.23
CA PHE A 230 -24.32 57.63 -12.38
C PHE A 230 -24.02 58.34 -13.70
N THR A 231 -24.17 59.66 -13.76
CA THR A 231 -23.89 60.39 -15.00
C THR A 231 -22.48 60.92 -15.09
N LEU A 232 -21.73 60.80 -14.01
CA LEU A 232 -20.35 61.28 -13.93
C LEU A 232 -19.45 60.73 -15.03
N VAL A 233 -19.75 59.52 -15.50
CA VAL A 233 -18.93 58.87 -16.54
C VAL A 233 -19.06 59.48 -17.93
N LYS A 234 -20.24 60.01 -18.26
CA LYS A 234 -20.43 60.64 -19.56
C LYS A 234 -19.97 62.08 -19.41
N GLN A 235 -20.05 62.61 -18.20
CA GLN A 235 -19.61 63.97 -17.93
C GLN A 235 -18.10 64.04 -18.21
N LEU A 236 -17.37 63.00 -17.79
CA LEU A 236 -15.94 62.95 -18.03
C LEU A 236 -15.65 62.52 -19.45
N GLU A 237 -16.59 61.81 -20.07
CA GLU A 237 -16.41 61.35 -21.45
C GLU A 237 -17.03 62.33 -22.43
N GLU A 238 -17.21 63.55 -21.96
CA GLU A 238 -17.77 64.62 -22.77
C GLU A 238 -16.70 65.69 -22.79
N GLN A 239 -15.90 65.71 -21.73
CA GLN A 239 -14.80 66.67 -21.61
C GLN A 239 -13.46 65.94 -21.70
N GLY A 240 -13.35 65.05 -22.68
CA GLY A 240 -12.14 64.30 -22.90
C GLY A 240 -11.40 63.65 -21.74
N TYR A 241 -12.06 63.46 -20.60
CA TYR A 241 -11.40 62.82 -19.48
C TYR A 241 -11.67 61.33 -19.41
N GLY A 242 -12.39 60.83 -20.41
CA GLY A 242 -12.73 59.42 -20.46
C GLY A 242 -11.62 58.51 -19.98
N TRP A 243 -10.39 58.87 -20.30
CA TRP A 243 -9.25 58.01 -19.93
C TRP A 243 -9.13 57.70 -18.45
N LEU A 244 -9.93 58.37 -17.63
CA LEU A 244 -9.90 58.11 -16.21
C LEU A 244 -10.63 56.79 -15.90
N MET B 1 -2.07 -2.79 0.38
CA MET B 1 -2.95 -1.68 0.87
C MET B 1 -3.33 -0.77 -0.29
N LEU B 2 -2.35 -0.09 -0.87
CA LEU B 2 -2.62 0.80 -2.00
C LEU B 2 -2.01 0.27 -3.27
N SER B 3 -2.83 0.15 -4.31
CA SER B 3 -2.34 -0.36 -5.57
C SER B 3 -2.77 0.48 -6.75
N ILE B 4 -1.78 1.02 -7.45
CA ILE B 4 -2.01 1.86 -8.61
C ILE B 4 -1.43 1.14 -9.82
N LYS B 5 -2.30 0.74 -10.75
CA LYS B 5 -1.91 0.03 -11.99
C LYS B 5 -2.20 0.85 -13.25
N ASP B 6 -1.16 1.12 -14.03
CA ASP B 6 -1.28 1.85 -15.28
C ASP B 6 -2.19 3.08 -15.20
N LEU B 7 -1.80 4.06 -14.39
CA LEU B 7 -2.65 5.23 -14.25
C LEU B 7 -2.39 6.35 -15.24
N HIS B 8 -3.46 6.79 -15.92
CA HIS B 8 -3.37 7.87 -16.89
C HIS B 8 -4.24 9.02 -16.39
N VAL B 9 -3.67 10.22 -16.34
CA VAL B 9 -4.37 11.39 -15.83
C VAL B 9 -4.15 12.63 -16.69
N SER B 10 -5.24 13.34 -16.96
CA SER B 10 -5.21 14.57 -17.74
C SER B 10 -5.66 15.71 -16.83
N VAL B 11 -5.18 16.92 -17.11
CA VAL B 11 -5.56 18.08 -16.30
C VAL B 11 -6.30 19.11 -17.15
N GLU B 12 -5.59 20.04 -17.75
CA GLU B 12 -6.24 21.02 -18.59
C GLU B 12 -6.29 20.34 -19.94
N ASP B 13 -7.02 19.23 -20.01
CA ASP B 13 -7.13 18.42 -21.23
C ASP B 13 -5.72 18.06 -21.70
N LYS B 14 -4.76 18.25 -20.79
CA LYS B 14 -3.35 17.95 -21.05
C LYS B 14 -2.98 16.67 -20.29
N ALA B 15 -2.31 15.77 -20.97
CA ALA B 15 -1.88 14.50 -20.39
C ALA B 15 -0.70 14.72 -19.45
N ILE B 16 -0.81 14.22 -18.22
CA ILE B 16 0.25 14.36 -17.22
C ILE B 16 0.74 13.03 -16.63
N LEU B 17 -0.13 12.20 -16.08
CA LEU B 17 0.34 10.89 -15.59
C LEU B 17 0.12 9.93 -16.77
N ARG B 18 1.10 9.08 -17.06
CA ARG B 18 0.98 8.20 -18.21
C ARG B 18 1.24 6.72 -17.95
N GLY B 19 0.32 6.07 -17.27
CA GLY B 19 0.51 4.66 -16.99
C GLY B 19 1.46 4.44 -15.83
N LEU B 20 1.22 5.20 -14.77
CA LEU B 20 2.01 5.14 -13.55
C LEU B 20 1.49 3.97 -12.72
N SER B 21 2.40 3.12 -12.26
CA SER B 21 2.05 1.97 -11.43
C SER B 21 2.82 2.02 -10.11
N LEU B 22 2.15 1.67 -9.02
CA LEU B 22 2.78 1.74 -7.70
C LEU B 22 1.93 1.09 -6.61
N ASP B 23 2.58 0.23 -5.82
CA ASP B 23 1.92 -0.47 -4.70
C ASP B 23 2.57 -0.01 -3.41
N VAL B 24 1.75 0.20 -2.38
CA VAL B 24 2.26 0.63 -1.09
C VAL B 24 1.60 -0.26 -0.07
N HIS B 25 2.40 -0.91 0.76
CA HIS B 25 1.87 -1.80 1.79
C HIS B 25 2.02 -1.22 3.21
N PRO B 26 1.30 -1.78 4.18
CA PRO B 26 1.34 -1.36 5.59
C PRO B 26 2.76 -1.17 6.12
N GLY B 27 2.99 -0.07 6.83
CA GLY B 27 4.29 0.22 7.42
C GLY B 27 5.30 0.94 6.54
N GLU B 28 5.09 0.94 5.24
CA GLU B 28 6.02 1.59 4.32
C GLU B 28 5.84 3.09 4.24
N VAL B 29 6.94 3.75 3.90
CA VAL B 29 7.04 5.19 3.72
C VAL B 29 7.66 5.33 2.33
N HIS B 30 6.91 5.88 1.37
CA HIS B 30 7.44 6.03 0.03
C HIS B 30 7.71 7.47 -0.33
N ALA B 31 8.73 7.70 -1.15
CA ALA B 31 9.06 9.06 -1.60
C ALA B 31 8.96 9.09 -3.12
N ILE B 32 8.45 10.19 -3.65
CA ILE B 32 8.29 10.38 -5.09
C ILE B 32 8.99 11.67 -5.47
N MET B 33 9.85 11.62 -6.48
CA MET B 33 10.57 12.80 -6.90
C MET B 33 10.85 12.89 -8.39
N GLY B 34 11.26 14.07 -8.84
CA GLY B 34 11.55 14.30 -10.26
C GLY B 34 11.16 15.73 -10.58
N PRO B 35 11.42 16.22 -11.81
CA PRO B 35 11.09 17.60 -12.24
C PRO B 35 9.65 18.04 -12.05
N ASN B 36 9.39 19.32 -12.26
CA ASN B 36 8.05 19.88 -12.09
C ASN B 36 7.18 19.51 -13.29
N GLY B 37 7.70 18.64 -14.15
CA GLY B 37 6.95 18.22 -15.32
C GLY B 37 6.26 16.88 -15.18
N SER B 38 6.86 15.98 -14.39
CA SER B 38 6.29 14.65 -14.16
C SER B 38 5.06 14.68 -13.28
N GLY B 39 4.57 15.87 -12.96
CA GLY B 39 3.39 15.99 -12.11
C GLY B 39 3.45 15.03 -10.94
N LYS B 40 4.43 15.26 -10.05
CA LYS B 40 4.57 14.46 -8.85
C LYS B 40 3.34 14.87 -8.07
N SER B 41 3.04 16.16 -8.16
CA SER B 41 1.94 16.79 -7.48
C SER B 41 0.59 16.32 -7.95
N THR B 42 0.43 16.07 -9.25
CA THR B 42 -0.88 15.63 -9.70
C THR B 42 -1.13 14.16 -9.29
N LEU B 43 -0.06 13.42 -9.01
CA LEU B 43 -0.21 12.04 -8.55
C LEU B 43 -0.84 12.09 -7.16
N SER B 44 -0.33 12.98 -6.31
CA SER B 44 -0.84 13.13 -4.95
C SER B 44 -2.21 13.81 -4.93
N ALA B 45 -2.48 14.69 -5.89
CA ALA B 45 -3.78 15.35 -5.96
C ALA B 45 -4.84 14.33 -6.41
N THR B 46 -4.45 13.41 -7.28
CA THR B 46 -5.33 12.36 -7.77
C THR B 46 -5.67 11.34 -6.66
N LEU B 47 -4.68 10.96 -5.87
CA LEU B 47 -4.93 10.00 -4.79
C LEU B 47 -5.88 10.59 -3.76
N ALA B 48 -5.69 11.87 -3.44
CA ALA B 48 -6.53 12.54 -2.46
C ALA B 48 -7.91 12.86 -3.05
N GLY B 49 -7.99 12.91 -4.38
CA GLY B 49 -9.25 13.17 -5.05
C GLY B 49 -9.62 14.62 -5.35
N ARG B 50 -8.63 15.47 -5.62
CA ARG B 50 -8.89 16.87 -5.92
C ARG B 50 -9.70 17.02 -7.20
N GLU B 51 -10.89 17.59 -7.07
CA GLU B 51 -11.82 17.77 -8.19
C GLU B 51 -11.32 18.67 -9.30
N ASP B 52 -10.45 18.13 -10.15
CA ASP B 52 -9.89 18.88 -11.26
C ASP B 52 -8.97 18.00 -12.12
N TYR B 53 -8.87 16.72 -11.79
CA TYR B 53 -8.00 15.79 -12.51
C TYR B 53 -8.83 14.66 -13.14
N GLU B 54 -8.64 14.45 -14.44
CA GLU B 54 -9.39 13.42 -15.16
C GLU B 54 -8.61 12.11 -15.33
N VAL B 55 -9.17 11.02 -14.78
CA VAL B 55 -8.55 9.71 -14.90
C VAL B 55 -8.99 9.19 -16.27
N THR B 56 -8.01 8.82 -17.08
CA THR B 56 -8.34 8.37 -18.42
C THR B 56 -8.10 6.89 -18.58
N GLY B 57 -7.34 6.33 -17.65
CA GLY B 57 -7.05 4.91 -17.73
C GLY B 57 -6.39 4.49 -16.46
N GLY B 58 -6.39 3.19 -16.20
CA GLY B 58 -5.77 2.70 -14.99
C GLY B 58 -6.76 2.40 -13.89
N THR B 59 -6.22 2.09 -12.72
CA THR B 59 -7.06 1.74 -11.61
C THR B 59 -6.37 2.07 -10.29
N VAL B 60 -7.16 2.43 -9.28
CA VAL B 60 -6.65 2.76 -7.95
C VAL B 60 -7.49 2.04 -6.92
N GLU B 61 -6.89 1.08 -6.21
CA GLU B 61 -7.61 0.34 -5.18
C GLU B 61 -6.95 0.53 -3.83
N PHE B 62 -7.78 0.75 -2.82
CA PHE B 62 -7.26 0.93 -1.48
C PHE B 62 -7.94 -0.10 -0.61
N LYS B 63 -7.12 -0.90 0.08
CA LYS B 63 -7.61 -1.98 0.92
C LYS B 63 -8.66 -2.78 0.14
N GLY B 64 -8.44 -2.88 -1.17
CA GLY B 64 -9.34 -3.62 -2.04
C GLY B 64 -10.55 -2.97 -2.70
N LYS B 65 -10.81 -1.69 -2.43
CA LYS B 65 -11.94 -1.01 -3.05
C LYS B 65 -11.46 -0.07 -4.16
N ASP B 66 -12.34 0.24 -5.11
CA ASP B 66 -11.97 1.15 -6.18
C ASP B 66 -12.02 2.54 -5.57
N LEU B 67 -10.86 3.07 -5.24
CA LEU B 67 -10.75 4.38 -4.60
C LEU B 67 -11.25 5.56 -5.46
N LEU B 68 -11.10 5.44 -6.78
CA LEU B 68 -11.51 6.51 -7.71
C LEU B 68 -13.00 6.78 -7.74
N ALA B 69 -13.74 5.79 -7.28
CA ALA B 69 -15.19 5.88 -7.24
C ALA B 69 -15.63 6.42 -5.88
N LEU B 70 -14.73 7.10 -5.18
CA LEU B 70 -15.07 7.66 -3.88
C LEU B 70 -14.81 9.15 -3.77
N SER B 71 -15.70 9.84 -3.05
CA SER B 71 -15.55 11.27 -2.85
C SER B 71 -14.39 11.55 -1.90
N PRO B 72 -13.71 12.69 -2.11
CA PRO B 72 -12.56 13.12 -1.30
C PRO B 72 -12.76 12.83 0.19
N GLU B 73 -13.91 13.24 0.71
CA GLU B 73 -14.25 13.06 2.10
C GLU B 73 -14.43 11.60 2.51
N ASP B 74 -14.95 10.79 1.60
CA ASP B 74 -15.14 9.39 1.91
C ASP B 74 -13.81 8.65 1.86
N ARG B 75 -12.88 9.20 1.10
CA ARG B 75 -11.54 8.61 1.01
C ARG B 75 -10.86 8.79 2.37
N ALA B 76 -10.96 9.98 2.93
CA ALA B 76 -10.37 10.21 4.22
C ALA B 76 -11.03 9.20 5.15
N GLY B 77 -12.33 8.97 4.93
CA GLY B 77 -13.04 8.01 5.73
C GLY B 77 -12.45 6.61 5.62
N GLU B 78 -12.01 6.22 4.44
CA GLU B 78 -11.42 4.91 4.25
C GLU B 78 -9.99 4.87 4.76
N GLY B 79 -9.48 6.01 5.22
CA GLY B 79 -8.13 6.03 5.74
C GLY B 79 -7.08 6.71 4.88
N ILE B 80 -7.51 7.35 3.79
CA ILE B 80 -6.61 8.05 2.88
C ILE B 80 -6.66 9.53 3.24
N PHE B 81 -5.52 10.11 3.62
CA PHE B 81 -5.51 11.53 4.04
C PHE B 81 -4.38 12.44 3.59
N MET B 82 -4.75 13.70 3.37
CA MET B 82 -3.82 14.76 2.99
C MET B 82 -4.26 15.96 3.78
N ALA B 83 -3.31 16.67 4.39
CA ALA B 83 -3.61 17.86 5.17
C ALA B 83 -4.45 18.85 4.38
N PHE B 84 -5.34 19.58 5.06
CA PHE B 84 -6.17 20.57 4.39
C PHE B 84 -5.95 21.92 5.07
N GLN B 85 -6.27 23.00 4.37
CA GLN B 85 -6.11 24.35 4.92
C GLN B 85 -7.37 24.71 5.68
N TYR B 86 -7.20 25.35 6.84
CA TYR B 86 -8.35 25.74 7.64
C TYR B 86 -9.18 26.82 6.92
N PRO B 87 -10.47 26.89 7.22
CA PRO B 87 -11.33 27.88 6.58
C PRO B 87 -10.91 29.30 6.91
N VAL B 88 -11.50 30.23 6.15
CA VAL B 88 -11.31 31.67 6.36
C VAL B 88 -11.71 31.86 7.83
N GLU B 89 -11.24 32.95 8.45
CA GLU B 89 -11.58 33.17 9.84
C GLU B 89 -12.99 33.74 10.01
N ILE B 90 -13.78 33.17 10.94
CA ILE B 90 -15.14 33.63 11.24
C ILE B 90 -15.21 33.94 12.74
N PRO B 91 -15.85 35.05 13.13
CA PRO B 91 -15.95 35.47 14.53
C PRO B 91 -16.49 34.46 15.51
N GLY B 92 -15.72 34.26 16.59
CA GLY B 92 -16.11 33.36 17.64
C GLY B 92 -15.95 31.88 17.39
N VAL B 93 -15.62 31.49 16.17
CA VAL B 93 -15.46 30.06 15.93
C VAL B 93 -13.98 29.80 15.70
N SER B 94 -13.47 28.76 16.35
CA SER B 94 -12.06 28.39 16.25
C SER B 94 -11.78 27.26 15.27
N ASN B 95 -10.54 27.18 14.77
CA ASN B 95 -10.23 26.10 13.85
C ASN B 95 -10.47 24.76 14.54
N GLN B 96 -10.29 24.72 15.85
CA GLN B 96 -10.53 23.50 16.61
C GLN B 96 -11.89 22.91 16.22
N PHE B 97 -12.87 23.79 16.02
CA PHE B 97 -14.23 23.37 15.64
C PHE B 97 -14.27 22.56 14.35
N PHE B 98 -13.43 22.94 13.39
CA PHE B 98 -13.42 22.23 12.12
C PHE B 98 -12.68 20.92 12.19
N LEU B 99 -11.59 20.89 12.97
CA LEU B 99 -10.84 19.65 13.10
C LEU B 99 -11.79 18.65 13.75
N GLN B 100 -12.51 19.11 14.78
CA GLN B 100 -13.47 18.26 15.48
C GLN B 100 -14.49 17.75 14.46
N THR B 101 -14.93 18.64 13.56
CA THR B 101 -15.89 18.25 12.52
C THR B 101 -15.26 17.21 11.56
N ALA B 102 -14.02 17.43 11.15
CA ALA B 102 -13.37 16.48 10.25
C ALA B 102 -13.24 15.07 10.89
N LEU B 103 -12.87 15.02 12.15
CA LEU B 103 -12.74 13.75 12.87
C LEU B 103 -14.10 13.07 12.96
N ASN B 104 -15.13 13.82 13.34
CA ASN B 104 -16.45 13.24 13.46
C ASN B 104 -17.01 12.78 12.13
N ALA B 105 -16.64 13.42 11.04
CA ALA B 105 -17.14 12.96 9.75
C ALA B 105 -16.50 11.61 9.42
N VAL B 106 -15.21 11.49 9.72
CA VAL B 106 -14.46 10.26 9.47
C VAL B 106 -14.92 9.14 10.41
N ARG B 107 -15.27 9.48 11.65
CA ARG B 107 -15.72 8.45 12.58
C ARG B 107 -17.11 7.95 12.21
N SER B 108 -18.00 8.87 11.82
CA SER B 108 -19.35 8.49 11.39
C SER B 108 -19.20 7.51 10.25
N TYR B 109 -18.37 7.89 9.29
CA TYR B 109 -18.12 7.05 8.14
C TYR B 109 -17.65 5.67 8.59
N ARG B 110 -16.89 5.60 9.67
CA ARG B 110 -16.40 4.30 10.15
C ARG B 110 -17.44 3.63 11.02
N GLY B 111 -18.58 4.29 11.15
CA GLY B 111 -19.67 3.77 11.96
C GLY B 111 -19.34 3.83 13.43
N GLN B 112 -18.48 4.75 13.81
CA GLN B 112 -18.07 4.91 15.19
C GLN B 112 -18.79 6.08 15.87
N GLU B 113 -18.67 6.15 17.19
CA GLU B 113 -19.29 7.22 17.98
C GLU B 113 -18.54 8.53 17.80
N THR B 114 -19.25 9.60 17.45
CA THR B 114 -18.60 10.87 17.26
C THR B 114 -18.28 11.41 18.65
N LEU B 115 -17.40 12.39 18.72
CA LEU B 115 -17.01 12.98 19.99
C LEU B 115 -17.74 14.29 20.18
N ASP B 116 -17.85 14.72 21.43
CA ASP B 116 -18.51 15.98 21.69
C ASP B 116 -17.41 17.01 21.92
N ARG B 117 -17.82 18.27 22.04
CA ARG B 117 -16.92 19.39 22.24
C ARG B 117 -15.79 19.11 23.22
N PHE B 118 -16.17 18.47 24.33
CA PHE B 118 -15.27 18.16 25.44
C PHE B 118 -14.38 16.96 25.22
N ASP B 119 -14.97 15.85 24.81
CA ASP B 119 -14.19 14.64 24.55
C ASP B 119 -13.15 14.98 23.50
N PHE B 120 -13.57 15.70 22.46
CA PHE B 120 -12.64 16.07 21.42
C PHE B 120 -11.59 16.97 22.02
N GLN B 121 -12.03 17.88 22.89
CA GLN B 121 -11.10 18.79 23.56
C GLN B 121 -10.00 17.99 24.27
N ASP B 122 -10.40 16.89 24.90
CA ASP B 122 -9.46 16.05 25.61
C ASP B 122 -8.43 15.46 24.66
N LEU B 123 -8.89 14.73 23.65
CA LEU B 123 -8.00 14.10 22.69
C LEU B 123 -7.05 15.08 22.01
N MET B 124 -7.54 16.27 21.70
CA MET B 124 -6.67 17.22 21.05
C MET B 124 -5.53 17.58 21.98
N GLU B 125 -5.81 17.71 23.28
CA GLU B 125 -4.77 18.03 24.26
C GLU B 125 -3.73 16.91 24.24
N GLU B 126 -4.23 15.68 24.30
CA GLU B 126 -3.33 14.55 24.31
C GLU B 126 -2.41 14.58 23.10
N LYS B 127 -2.95 14.85 21.92
CA LYS B 127 -2.11 14.87 20.73
C LYS B 127 -1.11 16.00 20.75
N ILE B 128 -1.53 17.15 21.25
CA ILE B 128 -0.64 18.30 21.31
C ILE B 128 0.51 18.00 22.28
N ALA B 129 0.17 17.38 23.40
CA ALA B 129 1.16 17.02 24.42
C ALA B 129 2.15 16.01 23.87
N LEU B 130 1.65 14.92 23.31
CA LEU B 130 2.51 13.88 22.76
C LEU B 130 3.35 14.35 21.58
N LEU B 131 2.89 15.34 20.83
CA LEU B 131 3.66 15.87 19.69
C LEU B 131 4.54 17.03 20.13
N LYS B 132 4.42 17.38 21.41
CA LYS B 132 5.20 18.48 21.93
C LYS B 132 5.07 19.74 21.08
N MET B 133 3.83 20.20 20.90
CA MET B 133 3.56 21.40 20.12
C MET B 133 2.92 22.51 20.96
N PRO B 134 2.81 23.73 20.41
CA PRO B 134 2.21 24.83 21.17
C PRO B 134 0.77 24.51 21.54
N GLU B 135 0.44 24.59 22.82
CA GLU B 135 -0.91 24.28 23.24
C GLU B 135 -2.00 25.07 22.51
N ASP B 136 -1.70 26.26 22.03
CA ASP B 136 -2.69 27.06 21.31
C ASP B 136 -2.46 27.16 19.78
N LEU B 137 -1.99 26.07 19.18
CA LEU B 137 -1.74 26.00 17.76
C LEU B 137 -2.94 26.41 16.93
N LEU B 138 -4.10 25.87 17.27
CA LEU B 138 -5.33 26.16 16.54
C LEU B 138 -5.88 27.59 16.68
N THR B 139 -5.36 28.36 17.62
CA THR B 139 -5.85 29.72 17.81
C THR B 139 -4.82 30.82 17.68
N ARG B 140 -3.59 30.56 18.10
CA ARG B 140 -2.55 31.60 18.03
C ARG B 140 -2.23 32.04 16.61
N SER B 141 -1.60 33.20 16.50
CA SER B 141 -1.19 33.73 15.23
C SER B 141 0.29 33.92 15.40
N VAL B 142 1.03 33.84 14.32
CA VAL B 142 2.48 33.93 14.44
C VAL B 142 3.06 34.91 13.43
N ASN B 143 4.32 35.25 13.63
CA ASN B 143 5.07 36.20 12.77
C ASN B 143 5.39 35.45 11.45
N VAL B 144 5.37 36.19 10.36
CA VAL B 144 5.55 35.63 9.01
C VAL B 144 6.77 34.75 8.96
N GLY B 145 7.79 35.10 9.73
CA GLY B 145 8.99 34.28 9.69
C GLY B 145 8.72 32.84 10.06
N PHE B 146 7.67 32.63 10.85
CA PHE B 146 7.31 31.29 11.31
C PHE B 146 6.29 30.52 10.47
N SER B 147 5.41 31.25 9.77
CA SER B 147 4.37 30.67 8.96
C SER B 147 4.72 29.33 8.31
N GLY B 148 5.91 29.24 7.73
CA GLY B 148 6.32 28.00 7.08
C GLY B 148 6.15 26.77 7.95
N GLY B 149 6.78 26.78 9.12
CA GLY B 149 6.71 25.63 10.00
C GLY B 149 5.37 25.57 10.70
N GLU B 150 4.65 26.69 10.71
CA GLU B 150 3.36 26.75 11.37
C GLU B 150 2.36 25.90 10.60
N LYS B 151 2.39 25.96 9.25
CA LYS B 151 1.46 25.13 8.48
C LYS B 151 1.83 23.64 8.64
N LYS B 152 3.11 23.31 8.57
CA LYS B 152 3.52 21.92 8.76
C LYS B 152 3.07 21.42 10.13
N ARG B 153 3.19 22.24 11.17
CA ARG B 153 2.70 21.78 12.46
C ARG B 153 1.22 21.46 12.39
N ASN B 154 0.41 22.33 11.77
CA ASN B 154 -1.03 22.03 11.69
C ASN B 154 -1.30 20.78 10.88
N ASP B 155 -0.52 20.56 9.81
CA ASP B 155 -0.68 19.38 8.96
C ASP B 155 -0.44 18.14 9.82
N ILE B 156 0.61 18.17 10.63
CA ILE B 156 0.94 17.03 11.46
C ILE B 156 -0.07 16.79 12.57
N LEU B 157 -0.58 17.85 13.19
CA LEU B 157 -1.56 17.64 14.23
C LEU B 157 -2.79 17.01 13.59
N GLN B 158 -3.07 17.35 12.33
CA GLN B 158 -4.23 16.79 11.65
C GLN B 158 -4.09 15.28 11.49
N MET B 159 -2.93 14.85 11.04
CA MET B 159 -2.67 13.45 10.85
C MET B 159 -2.80 12.73 12.18
N ALA B 160 -2.14 13.23 13.21
CA ALA B 160 -2.20 12.61 14.53
C ALA B 160 -3.65 12.46 15.02
N VAL B 161 -4.42 13.54 14.89
CA VAL B 161 -5.80 13.52 15.33
C VAL B 161 -6.72 12.67 14.46
N LEU B 162 -6.53 12.69 13.14
CA LEU B 162 -7.37 11.90 12.24
C LEU B 162 -6.87 10.49 12.02
N GLU B 163 -5.65 10.25 12.47
CA GLU B 163 -5.02 8.93 12.35
C GLU B 163 -5.34 8.15 11.07
N PRO B 164 -4.88 8.66 9.90
CA PRO B 164 -5.17 7.92 8.67
C PRO B 164 -4.23 6.70 8.55
N GLU B 165 -4.57 5.79 7.63
CA GLU B 165 -3.76 4.60 7.40
C GLU B 165 -2.70 4.86 6.32
N LEU B 166 -3.01 5.80 5.41
CA LEU B 166 -2.09 6.18 4.35
C LEU B 166 -1.96 7.71 4.29
N CYS B 167 -0.78 8.21 4.62
CA CYS B 167 -0.56 9.65 4.64
C CYS B 167 0.10 10.16 3.37
N ILE B 168 -0.49 11.22 2.82
CA ILE B 168 0.00 11.86 1.60
C ILE B 168 0.49 13.26 1.91
N LEU B 169 1.77 13.52 1.67
CA LEU B 169 2.28 14.85 1.95
C LEU B 169 2.91 15.39 0.69
N ASP B 170 2.60 16.64 0.36
CA ASP B 170 3.21 17.24 -0.82
C ASP B 170 4.20 18.28 -0.35
N GLU B 171 5.48 17.93 -0.44
CA GLU B 171 6.58 18.79 -0.03
C GLU B 171 7.27 19.46 -1.20
N SER B 172 6.59 19.56 -2.34
CA SER B 172 7.18 20.21 -3.51
C SER B 172 7.05 21.72 -3.35
N ASP B 173 6.82 22.14 -2.11
CA ASP B 173 6.66 23.54 -1.72
C ASP B 173 7.66 24.47 -2.40
N SER B 174 7.19 25.67 -2.77
CA SER B 174 8.02 26.67 -3.45
C SER B 174 9.28 27.00 -2.65
N LEU B 176 12.25 26.01 0.07
CA LEU B 176 13.41 25.35 0.72
C LEU B 176 13.77 26.06 2.03
N ASP B 177 13.28 25.55 3.15
CA ASP B 177 13.59 26.17 4.44
C ASP B 177 13.62 25.18 5.60
N ILE B 178 14.82 24.89 6.07
CA ILE B 178 15.06 23.96 7.16
C ILE B 178 13.98 23.87 8.23
N ASP B 179 13.59 25.00 8.81
CA ASP B 179 12.57 24.99 9.85
C ASP B 179 11.43 24.01 9.59
N ALA B 180 10.69 24.27 8.51
CA ALA B 180 9.56 23.46 8.08
C ALA B 180 9.92 21.99 7.83
N LEU B 181 10.88 21.75 6.95
CA LEU B 181 11.29 20.39 6.64
C LEU B 181 11.49 19.50 7.88
N LYS B 182 12.29 19.97 8.82
CA LYS B 182 12.54 19.21 10.04
C LYS B 182 11.24 18.92 10.76
N VAL B 183 10.33 19.90 10.78
CA VAL B 183 9.05 19.71 11.44
C VAL B 183 8.33 18.54 10.79
N VAL B 184 8.37 18.50 9.46
CA VAL B 184 7.75 17.42 8.71
C VAL B 184 8.44 16.13 9.09
N ALA B 185 9.77 16.16 9.06
CA ALA B 185 10.57 14.97 9.36
C ALA B 185 10.20 14.39 10.72
N ASP B 186 10.01 15.25 11.71
CA ASP B 186 9.62 14.77 13.04
C ASP B 186 8.23 14.17 13.09
N GLY B 187 7.29 14.83 12.41
CA GLY B 187 5.92 14.34 12.41
C GLY B 187 5.88 12.95 11.84
N VAL B 188 6.47 12.78 10.65
CA VAL B 188 6.49 11.48 10.02
C VAL B 188 7.07 10.46 11.00
N ASN B 189 8.28 10.73 11.49
CA ASN B 189 8.91 9.81 12.42
C ASN B 189 8.02 9.65 13.67
N SER B 190 7.28 10.69 14.03
CA SER B 190 6.38 10.61 15.19
C SER B 190 5.11 9.84 14.89
N LEU B 191 4.76 9.71 13.60
CA LEU B 191 3.53 9.00 13.22
C LEU B 191 3.77 7.58 12.70
N ARG B 192 5.04 7.15 12.68
CA ARG B 192 5.39 5.80 12.22
C ARG B 192 5.04 4.82 13.33
N ASP B 193 4.08 3.94 13.08
CA ASP B 193 3.68 2.99 14.09
C ASP B 193 3.97 1.57 13.60
N GLY B 194 4.43 1.50 12.34
CA GLY B 194 4.74 0.24 11.72
C GLY B 194 3.62 -0.33 10.88
N LYS B 195 2.43 0.27 11.00
CA LYS B 195 1.26 -0.18 10.25
C LYS B 195 0.71 0.88 9.29
N ARG B 196 0.84 2.16 9.61
CA ARG B 196 0.35 3.22 8.72
C ARG B 196 1.45 3.60 7.74
N SER B 197 1.06 3.79 6.47
CA SER B 197 2.00 4.12 5.41
C SER B 197 2.02 5.58 4.97
N PHE B 198 3.10 5.93 4.29
CA PHE B 198 3.27 7.30 3.86
C PHE B 198 3.70 7.40 2.42
N ILE B 199 3.28 8.48 1.76
CA ILE B 199 3.71 8.77 0.40
C ILE B 199 4.17 10.22 0.42
N ILE B 200 5.45 10.44 0.20
CA ILE B 200 6.00 11.76 0.26
C ILE B 200 6.43 12.24 -1.10
N VAL B 201 5.80 13.31 -1.56
CA VAL B 201 6.15 13.90 -2.84
C VAL B 201 7.02 15.10 -2.46
N THR B 202 8.30 15.07 -2.83
CA THR B 202 9.20 16.16 -2.48
C THR B 202 10.06 16.70 -3.61
N HIS B 203 10.31 18.00 -3.57
CA HIS B 203 11.11 18.67 -4.59
C HIS B 203 12.58 18.37 -4.45
N TYR B 204 13.10 18.61 -3.25
CA TYR B 204 14.50 18.41 -2.94
C TYR B 204 14.68 17.21 -2.02
N ARG B 206 16.90 16.38 1.07
CA ARG B 206 17.44 16.12 2.43
C ARG B 206 16.32 15.70 3.38
N ILE B 207 15.10 16.07 3.01
CA ILE B 207 13.93 15.70 3.79
C ILE B 207 13.91 14.17 3.81
N LEU B 208 14.53 13.56 2.79
CA LEU B 208 14.62 12.12 2.69
C LEU B 208 15.68 11.61 3.67
N ASP B 209 16.77 12.37 3.75
CA ASP B 209 17.88 12.05 4.64
C ASP B 209 17.43 11.89 6.09
N TYR B 210 16.54 12.76 6.57
CA TYR B 210 16.05 12.66 7.95
C TYR B 210 14.91 11.68 8.08
N ILE B 211 14.25 11.35 6.97
CA ILE B 211 13.12 10.43 7.01
C ILE B 211 13.52 8.99 6.77
N LYS B 212 14.44 8.79 5.82
CA LYS B 212 14.91 7.44 5.49
C LYS B 212 13.73 6.61 5.02
N PRO B 213 13.20 6.93 3.83
CA PRO B 213 12.07 6.19 3.28
C PRO B 213 12.45 4.75 2.99
N ASP B 214 11.46 3.86 3.07
CA ASP B 214 11.68 2.44 2.79
C ASP B 214 11.76 2.22 1.29
N TYR B 215 11.36 3.21 0.51
CA TYR B 215 11.40 3.12 -0.95
C TYR B 215 11.44 4.50 -1.59
N VAL B 216 12.08 4.59 -2.76
CA VAL B 216 12.17 5.84 -3.49
C VAL B 216 11.77 5.62 -4.95
N HIS B 217 11.14 6.64 -5.56
CA HIS B 217 10.66 6.56 -6.95
C HIS B 217 10.92 7.86 -7.71
N VAL B 218 11.28 7.76 -8.99
CA VAL B 218 11.53 8.95 -9.79
C VAL B 218 10.41 9.10 -10.84
N LEU B 219 9.90 10.32 -10.97
CA LEU B 219 8.82 10.62 -11.88
C LEU B 219 9.33 11.30 -13.14
N TYR B 220 9.27 10.58 -14.25
CA TYR B 220 9.74 11.08 -15.53
C TYR B 220 8.56 11.30 -16.46
N GLN B 221 8.02 12.52 -16.50
CA GLN B 221 6.90 12.76 -17.38
C GLN B 221 5.85 11.67 -17.23
N GLY B 222 5.01 11.80 -16.21
CA GLY B 222 3.94 10.85 -15.95
C GLY B 222 4.24 9.39 -15.76
N ARG B 223 5.51 8.98 -15.69
CA ARG B 223 5.81 7.56 -15.51
C ARG B 223 6.99 7.32 -14.55
N ILE B 224 6.81 6.37 -13.65
CA ILE B 224 7.85 6.01 -12.68
C ILE B 224 8.93 5.17 -13.33
N VAL B 225 10.17 5.65 -13.26
CA VAL B 225 11.32 4.95 -13.81
C VAL B 225 12.00 4.07 -12.76
N LYS B 226 12.99 4.64 -12.07
CA LYS B 226 13.72 3.91 -11.04
C LYS B 226 12.91 3.78 -9.75
N SER B 227 13.27 2.78 -8.95
CA SER B 227 12.63 2.51 -7.67
C SER B 227 13.60 1.70 -6.83
N GLY B 228 13.34 1.61 -5.52
CA GLY B 228 14.20 0.84 -4.64
C GLY B 228 14.35 1.51 -3.30
N ASP B 229 14.94 0.81 -2.33
CA ASP B 229 15.15 1.37 -0.99
C ASP B 229 15.96 2.68 -0.98
N PHE B 230 16.10 3.27 0.20
CA PHE B 230 16.80 4.53 0.37
C PHE B 230 18.18 4.60 -0.28
N THR B 231 18.86 3.46 -0.35
CA THR B 231 20.20 3.44 -0.95
C THR B 231 20.21 3.88 -2.41
N LEU B 232 19.05 3.81 -3.07
CA LEU B 232 18.95 4.20 -4.48
C LEU B 232 19.46 5.59 -4.80
N VAL B 233 19.20 6.56 -3.94
CA VAL B 233 19.63 7.92 -4.19
C VAL B 233 21.14 8.05 -4.25
N LYS B 234 21.83 7.17 -3.50
CA LYS B 234 23.29 7.18 -3.47
C LYS B 234 23.79 6.38 -4.68
N GLN B 235 23.14 5.25 -4.95
CA GLN B 235 23.51 4.42 -6.10
C GLN B 235 23.51 5.31 -7.34
N LEU B 236 22.37 5.93 -7.65
CA LEU B 236 22.30 6.81 -8.82
C LEU B 236 23.41 7.85 -8.82
N GLU B 237 23.66 8.45 -7.67
CA GLU B 237 24.70 9.46 -7.54
C GLU B 237 26.09 8.91 -7.86
N GLU B 238 26.30 7.62 -7.59
CA GLU B 238 27.59 6.99 -7.83
C GLU B 238 27.69 6.35 -9.22
N GLN B 239 26.56 6.02 -9.83
CA GLN B 239 26.57 5.42 -11.16
C GLN B 239 26.43 6.54 -12.18
N GLY B 240 26.75 7.75 -11.74
CA GLY B 240 26.68 8.91 -12.63
C GLY B 240 25.34 9.59 -12.76
N TYR B 241 24.24 8.86 -12.57
CA TYR B 241 22.93 9.48 -12.71
C TYR B 241 22.50 10.34 -11.51
N GLY B 242 23.39 11.20 -11.04
CA GLY B 242 23.04 12.04 -9.92
C GLY B 242 21.99 13.04 -10.34
N TRP B 243 22.08 13.47 -11.60
CA TRP B 243 21.16 14.44 -12.19
C TRP B 243 19.69 14.08 -12.10
N LEU B 244 19.39 12.79 -11.92
CA LEU B 244 17.98 12.42 -11.81
C LEU B 244 17.31 13.12 -10.65
N THR B 245 17.71 12.74 -9.43
CA THR B 245 17.14 13.33 -8.20
C THR B 245 17.65 14.73 -7.84
N GLU B 246 16.74 15.55 -7.32
CA GLU B 246 17.05 16.91 -6.95
C GLU B 246 15.96 17.85 -7.47
N MET C 1 32.27 -9.53 -9.80
CA MET C 1 31.14 -9.03 -8.97
C MET C 1 31.08 -9.69 -7.59
N LEU C 2 31.69 -10.87 -7.45
CA LEU C 2 31.70 -11.58 -6.17
C LEU C 2 33.08 -11.80 -5.58
N SER C 3 33.29 -11.36 -4.34
CA SER C 3 34.57 -11.61 -3.70
C SER C 3 34.36 -12.18 -2.28
N ILE C 4 34.91 -13.37 -2.07
CA ILE C 4 34.82 -14.07 -0.80
C ILE C 4 36.20 -14.07 -0.17
N LYS C 5 36.34 -13.42 0.98
CA LYS C 5 37.61 -13.33 1.67
C LYS C 5 37.65 -14.03 3.03
N ASP C 6 38.51 -15.05 3.12
CA ASP C 6 38.69 -15.77 4.38
C ASP C 6 37.38 -16.15 5.08
N LEU C 7 36.54 -16.87 4.34
CA LEU C 7 35.27 -17.27 4.86
C LEU C 7 35.33 -18.49 5.77
N HIS C 8 34.82 -18.34 7.00
CA HIS C 8 34.75 -19.43 7.98
C HIS C 8 33.27 -19.74 8.26
N VAL C 9 32.86 -20.97 7.95
CA VAL C 9 31.48 -21.38 8.15
C VAL C 9 31.34 -22.64 9.00
N SER C 10 30.39 -22.66 9.91
CA SER C 10 30.19 -23.83 10.73
C SER C 10 28.76 -24.29 10.62
N VAL C 11 28.55 -25.58 10.81
CA VAL C 11 27.22 -26.17 10.75
C VAL C 11 26.98 -26.91 12.05
N GLU C 12 26.05 -26.40 12.86
CA GLU C 12 25.73 -27.04 14.13
C GLU C 12 27.00 -27.05 15.00
N ASP C 13 27.66 -25.90 15.06
CA ASP C 13 28.90 -25.72 15.82
C ASP C 13 30.06 -26.61 15.39
N LYS C 14 29.97 -27.14 14.17
CA LYS C 14 31.02 -27.95 13.59
C LYS C 14 31.65 -27.10 12.51
N ALA C 15 32.98 -26.97 12.53
CA ALA C 15 33.68 -26.17 11.52
C ALA C 15 33.76 -26.85 10.13
N ILE C 16 33.22 -26.18 9.11
CA ILE C 16 33.24 -26.72 7.76
C ILE C 16 34.19 -25.95 6.84
N LEU C 17 33.89 -24.67 6.58
CA LEU C 17 34.75 -23.84 5.72
C LEU C 17 35.78 -23.12 6.60
N ARG C 18 37.06 -23.34 6.33
CA ARG C 18 38.11 -22.76 7.16
C ARG C 18 38.98 -21.68 6.52
N GLY C 19 38.36 -20.59 6.10
CA GLY C 19 39.13 -19.52 5.49
C GLY C 19 39.21 -19.69 3.99
N LEU C 20 38.05 -19.75 3.36
CA LEU C 20 38.00 -19.90 1.91
C LEU C 20 37.96 -18.52 1.24
N SER C 21 38.66 -18.41 0.11
CA SER C 21 38.71 -17.16 -0.64
C SER C 21 38.41 -17.44 -2.09
N LEU C 22 37.77 -16.50 -2.77
CA LEU C 22 37.42 -16.67 -4.18
C LEU C 22 36.80 -15.41 -4.78
N ASP C 23 37.31 -14.99 -5.91
CA ASP C 23 36.77 -13.83 -6.58
C ASP C 23 36.14 -14.33 -7.85
N VAL C 24 35.11 -13.61 -8.32
CA VAL C 24 34.45 -14.00 -9.53
C VAL C 24 34.15 -12.75 -10.33
N HIS C 25 34.72 -12.67 -11.53
CA HIS C 25 34.52 -11.53 -12.42
C HIS C 25 33.48 -11.90 -13.46
N PRO C 26 32.77 -10.90 -14.02
CA PRO C 26 31.74 -11.09 -15.03
C PRO C 26 32.18 -11.99 -16.17
N GLY C 27 31.21 -12.66 -16.79
CA GLY C 27 31.51 -13.56 -17.89
C GLY C 27 32.42 -14.74 -17.60
N GLU C 28 32.48 -15.20 -16.35
CA GLU C 28 33.33 -16.34 -16.04
C GLU C 28 32.57 -17.52 -15.46
N VAL C 29 33.11 -18.71 -15.68
CA VAL C 29 32.52 -19.93 -15.17
C VAL C 29 33.53 -20.60 -14.24
N HIS C 30 33.23 -20.63 -12.95
CA HIS C 30 34.13 -21.30 -12.00
C HIS C 30 33.52 -22.64 -11.60
N ALA C 31 34.36 -23.69 -11.63
CA ALA C 31 33.98 -25.05 -11.25
C ALA C 31 34.64 -25.35 -9.91
N ILE C 32 33.84 -25.74 -8.92
CA ILE C 32 34.37 -26.04 -7.61
C ILE C 32 34.29 -27.52 -7.36
N MET C 33 35.45 -28.13 -7.12
CA MET C 33 35.55 -29.55 -6.92
C MET C 33 36.26 -29.94 -5.64
N GLY C 34 36.25 -31.23 -5.34
CA GLY C 34 36.91 -31.69 -4.13
C GLY C 34 36.25 -32.92 -3.55
N PRO C 35 36.92 -33.59 -2.60
CA PRO C 35 36.44 -34.80 -1.92
C PRO C 35 35.18 -34.48 -1.16
N ASN C 36 34.10 -35.19 -1.46
CA ASN C 36 32.84 -34.95 -0.76
C ASN C 36 33.12 -34.73 0.71
N GLY C 37 32.39 -33.80 1.32
CA GLY C 37 32.57 -33.51 2.74
C GLY C 37 33.63 -32.46 2.97
N SER C 38 34.14 -31.88 1.89
CA SER C 38 35.15 -30.83 1.99
C SER C 38 34.43 -29.50 2.21
N GLY C 39 33.11 -29.53 2.16
CA GLY C 39 32.30 -28.34 2.36
C GLY C 39 31.94 -27.58 1.09
N LYS C 40 32.22 -28.16 -0.07
CA LYS C 40 31.91 -27.52 -1.34
C LYS C 40 30.42 -27.29 -1.50
N SER C 41 29.61 -28.09 -0.80
CA SER C 41 28.17 -27.92 -0.86
C SER C 41 27.75 -26.79 0.09
N THR C 42 28.45 -26.69 1.21
CA THR C 42 28.12 -25.66 2.17
C THR C 42 28.57 -24.31 1.62
N LEU C 43 29.54 -24.35 0.71
CA LEU C 43 30.00 -23.10 0.10
C LEU C 43 28.83 -22.56 -0.73
N SER C 44 28.11 -23.46 -1.41
CA SER C 44 26.97 -23.06 -2.22
C SER C 44 25.73 -22.73 -1.37
N ALA C 45 25.54 -23.44 -0.26
CA ALA C 45 24.39 -23.14 0.60
C ALA C 45 24.62 -21.78 1.24
N THR C 46 25.87 -21.49 1.60
CA THR C 46 26.20 -20.21 2.22
C THR C 46 25.96 -19.03 1.27
N LEU C 47 26.43 -19.15 0.04
CA LEU C 47 26.23 -18.08 -0.92
C LEU C 47 24.75 -17.87 -1.17
N ALA C 48 24.03 -18.97 -1.16
CA ALA C 48 22.60 -18.93 -1.45
C ALA C 48 21.65 -18.41 -0.39
N GLY C 49 21.83 -18.83 0.85
CA GLY C 49 20.91 -18.41 1.89
C GLY C 49 20.98 -19.46 2.99
N ARG C 50 20.05 -19.50 3.94
CA ARG C 50 20.29 -20.49 4.99
C ARG C 50 19.27 -21.50 5.48
N GLU C 51 19.82 -22.40 6.28
CA GLU C 51 19.11 -23.48 6.95
C GLU C 51 19.77 -23.65 8.32
N ASP C 52 21.08 -23.38 8.38
CA ASP C 52 21.82 -23.51 9.64
C ASP C 52 23.28 -23.16 9.47
N TYR C 53 23.61 -22.40 8.44
CA TYR C 53 24.98 -22.01 8.15
C TYR C 53 25.41 -20.73 8.88
N GLU C 54 26.20 -20.91 9.93
CA GLU C 54 26.72 -19.82 10.76
C GLU C 54 28.06 -19.26 10.25
N VAL C 55 28.03 -18.06 9.68
CA VAL C 55 29.28 -17.46 9.19
C VAL C 55 30.06 -16.91 10.38
N THR C 56 31.08 -17.67 10.76
CA THR C 56 31.91 -17.39 11.90
C THR C 56 33.00 -16.35 11.69
N GLY C 57 33.22 -15.95 10.44
CA GLY C 57 34.25 -14.95 10.14
C GLY C 57 34.47 -14.77 8.65
N GLY C 58 35.05 -13.64 8.28
CA GLY C 58 35.33 -13.39 6.88
C GLY C 58 34.24 -12.57 6.21
N THR C 59 34.46 -12.29 4.93
CA THR C 59 33.50 -11.50 4.20
C THR C 59 33.03 -12.10 2.86
N VAL C 60 31.89 -11.62 2.40
CA VAL C 60 31.36 -12.04 1.12
C VAL C 60 30.77 -10.79 0.53
N GLU C 61 31.39 -10.32 -0.54
CA GLU C 61 30.95 -9.12 -1.20
C GLU C 61 30.35 -9.42 -2.56
N PHE C 62 29.18 -8.83 -2.83
CA PHE C 62 28.52 -8.99 -4.11
C PHE C 62 28.16 -7.59 -4.65
N LYS C 63 28.64 -7.28 -5.85
CA LYS C 63 28.40 -5.98 -6.45
C LYS C 63 28.70 -4.88 -5.43
N GLY C 64 29.79 -5.05 -4.70
CA GLY C 64 30.19 -4.07 -3.71
C GLY C 64 29.48 -4.16 -2.39
N LYS C 65 28.21 -4.60 -2.40
CA LYS C 65 27.43 -4.71 -1.17
C LYS C 65 27.79 -5.93 -0.32
N ASP C 66 27.29 -5.97 0.90
CA ASP C 66 27.55 -7.07 1.81
C ASP C 66 26.44 -8.07 1.65
N LEU C 67 26.79 -9.23 1.12
CA LEU C 67 25.83 -10.28 0.87
C LEU C 67 25.18 -10.91 2.09
N LEU C 68 25.98 -11.23 3.12
CA LEU C 68 25.49 -11.92 4.32
C LEU C 68 24.31 -11.35 5.10
N ALA C 69 24.10 -10.04 5.00
CA ALA C 69 22.99 -9.39 5.70
C ALA C 69 21.68 -9.80 5.04
N LEU C 70 21.74 -10.04 3.73
CA LEU C 70 20.59 -10.40 2.92
C LEU C 70 19.97 -11.80 3.07
N SER C 71 18.65 -11.85 2.94
CA SER C 71 17.94 -13.12 2.99
C SER C 71 18.12 -13.77 1.60
N PRO C 72 17.87 -15.07 1.50
CA PRO C 72 18.00 -15.79 0.24
C PRO C 72 17.26 -15.10 -0.90
N GLU C 73 15.96 -14.87 -0.70
CA GLU C 73 15.10 -14.22 -1.69
C GLU C 73 15.63 -12.86 -2.14
N ASP C 74 16.19 -12.12 -1.20
CA ASP C 74 16.73 -10.81 -1.52
C ASP C 74 18.06 -10.89 -2.29
N ARG C 75 18.74 -12.03 -2.14
CA ARG C 75 20.01 -12.25 -2.84
C ARG C 75 19.61 -12.52 -4.27
N ALA C 76 18.47 -13.20 -4.43
CA ALA C 76 17.93 -13.45 -5.75
C ALA C 76 17.80 -12.06 -6.35
N GLY C 77 17.12 -11.18 -5.61
CA GLY C 77 16.91 -9.82 -6.07
C GLY C 77 18.20 -9.10 -6.41
N GLU C 78 19.23 -9.35 -5.62
CA GLU C 78 20.52 -8.71 -5.84
C GLU C 78 21.24 -9.27 -7.06
N GLY C 79 20.80 -10.43 -7.57
CA GLY C 79 21.45 -11.00 -8.74
C GLY C 79 22.13 -12.35 -8.54
N ILE C 80 22.13 -12.84 -7.30
CA ILE C 80 22.76 -14.13 -7.00
C ILE C 80 21.62 -15.12 -6.77
N PHE C 81 21.54 -16.12 -7.64
CA PHE C 81 20.45 -17.08 -7.62
C PHE C 81 20.77 -18.58 -7.76
N MET C 82 20.01 -19.39 -7.03
CA MET C 82 20.14 -20.84 -7.05
C MET C 82 18.74 -21.39 -7.28
N ALA C 83 18.58 -22.29 -8.25
CA ALA C 83 17.27 -22.82 -8.57
C ALA C 83 16.55 -23.36 -7.34
N PHE C 84 15.23 -23.20 -7.36
CA PHE C 84 14.37 -23.64 -6.28
C PHE C 84 13.41 -24.68 -6.82
N GLN C 85 12.90 -25.54 -5.93
CA GLN C 85 11.95 -26.57 -6.32
C GLN C 85 10.54 -25.95 -6.21
N TYR C 86 9.62 -26.37 -7.08
CA TYR C 86 8.27 -25.82 -7.02
C TYR C 86 7.43 -26.40 -5.90
N PRO C 87 6.46 -25.61 -5.41
CA PRO C 87 5.59 -26.04 -4.31
C PRO C 87 4.66 -27.17 -4.69
N VAL C 88 4.10 -27.79 -3.68
CA VAL C 88 3.16 -28.89 -3.84
C VAL C 88 2.05 -28.53 -4.84
N GLU C 89 1.55 -29.55 -5.53
CA GLU C 89 0.51 -29.34 -6.50
C GLU C 89 -0.81 -28.86 -5.88
N ILE C 90 -1.41 -27.86 -6.49
CA ILE C 90 -2.67 -27.32 -6.03
C ILE C 90 -3.57 -27.18 -7.27
N PRO C 91 -4.83 -27.66 -7.18
CA PRO C 91 -5.78 -27.60 -8.29
C PRO C 91 -5.87 -26.29 -9.07
N GLY C 92 -5.86 -26.40 -10.40
CA GLY C 92 -5.98 -25.26 -11.27
C GLY C 92 -4.90 -24.20 -11.17
N VAL C 93 -3.76 -24.53 -10.59
CA VAL C 93 -2.68 -23.55 -10.47
C VAL C 93 -1.38 -24.23 -10.89
N SER C 94 -0.82 -23.81 -12.02
CA SER C 94 0.42 -24.38 -12.54
C SER C 94 1.64 -23.66 -11.97
N ASN C 95 2.78 -24.32 -12.08
CA ASN C 95 4.01 -23.77 -11.58
C ASN C 95 4.33 -22.43 -12.23
N GLN C 96 3.78 -22.19 -13.41
CA GLN C 96 4.01 -20.93 -14.09
C GLN C 96 3.58 -19.78 -13.18
N PHE C 97 2.61 -20.04 -12.31
CA PHE C 97 2.12 -19.01 -11.42
C PHE C 97 3.19 -18.56 -10.41
N PHE C 98 3.96 -19.52 -9.90
CA PHE C 98 5.02 -19.20 -8.95
C PHE C 98 6.26 -18.63 -9.66
N LEU C 99 6.62 -19.18 -10.81
CA LEU C 99 7.75 -18.63 -11.54
C LEU C 99 7.45 -17.14 -11.72
N GLN C 100 6.20 -16.85 -12.08
CA GLN C 100 5.73 -15.47 -12.30
C GLN C 100 5.83 -14.64 -11.02
N THR C 101 5.51 -15.23 -9.88
CA THR C 101 5.58 -14.49 -8.63
C THR C 101 7.05 -14.21 -8.28
N ALA C 102 7.90 -15.20 -8.51
CA ALA C 102 9.31 -15.06 -8.22
C ALA C 102 9.91 -13.97 -9.09
N LEU C 103 9.59 -13.98 -10.39
CA LEU C 103 10.11 -12.97 -11.33
C LEU C 103 9.71 -11.56 -10.91
N ASN C 104 8.45 -11.41 -10.50
CA ASN C 104 7.95 -10.10 -10.06
C ASN C 104 8.54 -9.66 -8.72
N ALA C 105 8.94 -10.62 -7.85
CA ALA C 105 9.54 -10.33 -6.53
C ALA C 105 10.94 -9.75 -6.68
N VAL C 106 11.65 -10.26 -7.69
CA VAL C 106 12.99 -9.85 -8.07
C VAL C 106 12.86 -8.50 -8.82
N ARG C 107 11.89 -8.39 -9.73
CA ARG C 107 11.67 -7.13 -10.45
C ARG C 107 11.37 -5.98 -9.49
N SER C 108 10.54 -6.24 -8.49
CA SER C 108 10.20 -5.21 -7.50
C SER C 108 11.45 -4.82 -6.71
N TYR C 109 12.29 -5.80 -6.41
CA TYR C 109 13.52 -5.57 -5.67
C TYR C 109 14.48 -4.74 -6.50
N ARG C 110 14.56 -5.05 -7.78
CA ARG C 110 15.45 -4.34 -8.69
C ARG C 110 14.84 -3.04 -9.20
N GLY C 111 13.77 -2.61 -8.55
CA GLY C 111 13.11 -1.36 -8.92
C GLY C 111 12.44 -1.31 -10.27
N GLN C 112 12.30 -2.45 -10.93
CA GLN C 112 11.66 -2.48 -12.23
C GLN C 112 10.16 -2.70 -12.06
N GLU C 113 9.43 -2.63 -13.16
CA GLU C 113 7.99 -2.82 -13.12
C GLU C 113 7.58 -4.28 -13.21
N THR C 114 6.64 -4.64 -12.37
CA THR C 114 6.13 -6.01 -12.33
C THR C 114 5.41 -6.32 -13.66
N LEU C 115 4.99 -7.57 -13.83
CA LEU C 115 4.32 -7.96 -15.06
C LEU C 115 3.05 -8.70 -14.75
N ASP C 116 2.00 -8.44 -15.54
CA ASP C 116 0.76 -9.15 -15.34
C ASP C 116 0.90 -10.51 -16.01
N ARG C 117 -0.04 -11.41 -15.74
CA ARG C 117 -0.03 -12.76 -16.28
C ARG C 117 0.05 -12.84 -17.80
N PHE C 118 -0.20 -11.74 -18.48
CA PHE C 118 -0.14 -11.74 -19.93
C PHE C 118 1.29 -11.35 -20.35
N ASP C 119 1.81 -10.29 -19.73
CA ASP C 119 3.16 -9.83 -20.01
C ASP C 119 4.19 -10.89 -19.62
N PHE C 120 4.00 -11.53 -18.47
CA PHE C 120 4.91 -12.57 -18.00
C PHE C 120 4.92 -13.75 -18.95
N GLN C 121 3.74 -14.25 -19.26
CA GLN C 121 3.61 -15.38 -20.15
C GLN C 121 4.41 -15.18 -21.43
N ASP C 122 4.39 -13.97 -21.98
CA ASP C 122 5.14 -13.66 -23.20
C ASP C 122 6.64 -13.82 -22.93
N LEU C 123 7.11 -13.17 -21.86
CA LEU C 123 8.51 -13.25 -21.49
C LEU C 123 8.96 -14.70 -21.27
N MET C 124 8.10 -15.49 -20.63
CA MET C 124 8.44 -16.86 -20.40
C MET C 124 8.42 -17.67 -21.69
N GLU C 125 7.45 -17.39 -22.56
CA GLU C 125 7.33 -18.12 -23.81
C GLU C 125 8.54 -17.81 -24.70
N GLU C 126 9.14 -16.65 -24.45
CA GLU C 126 10.31 -16.21 -25.19
C GLU C 126 11.54 -17.04 -24.76
N LYS C 127 11.77 -17.13 -23.46
CA LYS C 127 12.90 -17.90 -22.91
C LYS C 127 12.80 -19.37 -23.32
N ILE C 128 11.68 -19.99 -22.99
CA ILE C 128 11.46 -21.38 -23.31
C ILE C 128 11.77 -21.65 -24.79
N ALA C 129 11.57 -20.63 -25.63
CA ALA C 129 11.84 -20.76 -27.05
C ALA C 129 13.34 -20.73 -27.29
N LEU C 130 14.03 -19.83 -26.61
CA LEU C 130 15.48 -19.71 -26.70
C LEU C 130 16.12 -21.02 -26.23
N LEU C 131 15.75 -21.46 -25.03
CA LEU C 131 16.27 -22.70 -24.45
C LEU C 131 15.63 -23.90 -25.11
N LYS C 132 14.84 -23.64 -26.14
CA LYS C 132 14.17 -24.68 -26.89
C LYS C 132 13.78 -25.88 -26.02
N MET C 133 12.89 -25.65 -25.05
CA MET C 133 12.44 -26.72 -24.19
C MET C 133 10.97 -27.06 -24.45
N PRO C 134 10.47 -28.18 -23.88
CA PRO C 134 9.06 -28.56 -24.09
C PRO C 134 8.17 -27.38 -23.74
N GLU C 135 7.47 -26.83 -24.72
CA GLU C 135 6.61 -25.67 -24.49
C GLU C 135 5.75 -25.80 -23.26
N ASP C 136 5.53 -27.04 -22.81
CA ASP C 136 4.70 -27.30 -21.63
C ASP C 136 5.48 -27.89 -20.44
N LEU C 137 6.68 -27.37 -20.20
CA LEU C 137 7.54 -27.83 -19.11
C LEU C 137 6.96 -27.65 -17.69
N LEU C 138 6.07 -26.68 -17.54
CA LEU C 138 5.50 -26.39 -16.24
C LEU C 138 4.30 -27.24 -15.81
N THR C 139 3.63 -27.89 -16.76
CA THR C 139 2.45 -28.69 -16.41
C THR C 139 2.53 -30.19 -16.71
N ARG C 140 3.47 -30.59 -17.55
CA ARG C 140 3.57 -32.00 -17.92
C ARG C 140 4.27 -32.86 -16.89
N SER C 141 4.31 -34.17 -17.13
CA SER C 141 4.97 -35.13 -16.24
C SER C 141 5.77 -36.16 -17.02
N VAL C 142 6.94 -36.52 -16.52
CA VAL C 142 7.78 -37.50 -17.21
C VAL C 142 8.04 -38.75 -16.37
N ASN C 143 8.21 -39.88 -17.07
CA ASN C 143 8.49 -41.14 -16.39
C ASN C 143 9.67 -40.92 -15.47
N VAL C 144 9.77 -41.76 -14.44
CA VAL C 144 10.84 -41.67 -13.47
C VAL C 144 12.23 -41.71 -14.13
N GLY C 145 12.29 -42.31 -15.32
CA GLY C 145 13.55 -42.39 -16.02
C GLY C 145 13.92 -41.06 -16.62
N PHE C 146 12.97 -40.13 -16.58
CA PHE C 146 13.19 -38.78 -17.09
C PHE C 146 13.26 -37.76 -15.96
N SER C 147 13.05 -38.21 -14.73
CA SER C 147 13.15 -37.31 -13.59
C SER C 147 14.67 -37.03 -13.49
N GLY C 148 15.03 -35.80 -13.16
CA GLY C 148 16.45 -35.50 -13.09
C GLY C 148 16.73 -34.57 -14.25
N GLY C 149 16.59 -35.08 -15.48
CA GLY C 149 16.80 -34.24 -16.64
C GLY C 149 15.73 -33.17 -16.61
N GLU C 150 14.55 -33.58 -16.16
CA GLU C 150 13.40 -32.67 -16.07
C GLU C 150 13.64 -31.61 -15.00
N LYS C 151 14.24 -32.01 -13.87
CA LYS C 151 14.49 -31.02 -12.81
C LYS C 151 15.46 -29.97 -13.32
N LYS C 152 16.53 -30.40 -13.95
CA LYS C 152 17.54 -29.50 -14.49
C LYS C 152 16.91 -28.59 -15.53
N ARG C 153 15.97 -29.16 -16.26
CA ARG C 153 15.28 -28.40 -17.29
C ARG C 153 14.57 -27.22 -16.63
N ASN C 154 13.85 -27.49 -15.54
CA ASN C 154 13.12 -26.41 -14.88
C ASN C 154 14.03 -25.35 -14.30
N ASP C 155 15.13 -25.80 -13.69
CA ASP C 155 16.10 -24.91 -13.09
C ASP C 155 16.68 -23.98 -14.14
N ILE C 156 17.25 -24.55 -15.18
CA ILE C 156 17.82 -23.76 -16.25
C ILE C 156 16.81 -22.70 -16.66
N LEU C 157 15.55 -23.10 -16.75
CA LEU C 157 14.52 -22.15 -17.16
C LEU C 157 14.39 -20.99 -16.18
N GLN C 158 14.46 -21.32 -14.90
CA GLN C 158 14.36 -20.29 -13.87
C GLN C 158 15.48 -19.26 -14.01
N MET C 159 16.66 -19.73 -14.41
CA MET C 159 17.82 -18.87 -14.61
C MET C 159 17.56 -17.89 -15.75
N ALA C 160 17.02 -18.42 -16.83
CA ALA C 160 16.68 -17.62 -17.99
C ALA C 160 15.65 -16.55 -17.61
N VAL C 161 14.57 -16.95 -16.96
CA VAL C 161 13.53 -15.99 -16.59
C VAL C 161 13.92 -14.94 -15.54
N LEU C 162 14.53 -15.35 -14.44
CA LEU C 162 14.90 -14.39 -13.40
C LEU C 162 16.15 -13.57 -13.72
N GLU C 163 16.87 -13.97 -14.77
CA GLU C 163 18.10 -13.29 -15.21
C GLU C 163 19.07 -12.78 -14.13
N PRO C 164 19.67 -13.71 -13.37
CA PRO C 164 20.61 -13.34 -12.30
C PRO C 164 22.02 -13.07 -12.88
N GLU C 165 22.75 -12.15 -12.26
CA GLU C 165 24.10 -11.81 -12.69
C GLU C 165 25.02 -13.00 -12.42
N LEU C 166 24.80 -13.65 -11.27
CA LEU C 166 25.59 -14.80 -10.86
C LEU C 166 24.70 -16.02 -10.55
N CYS C 167 24.98 -17.13 -11.24
CA CYS C 167 24.22 -18.38 -11.06
C CYS C 167 24.99 -19.43 -10.26
N ILE C 168 24.31 -20.04 -9.30
CA ILE C 168 24.92 -21.07 -8.47
C ILE C 168 24.32 -22.44 -8.78
N LEU C 169 25.09 -23.34 -9.38
CA LEU C 169 24.57 -24.66 -9.70
C LEU C 169 25.33 -25.74 -8.97
N ASP C 170 24.63 -26.46 -8.10
CA ASP C 170 25.19 -27.54 -7.29
C ASP C 170 24.80 -28.93 -7.81
N GLU C 171 25.71 -29.56 -8.54
CA GLU C 171 25.47 -30.88 -9.10
C GLU C 171 26.23 -32.01 -8.37
N SER C 172 25.85 -32.27 -7.11
CA SER C 172 26.49 -33.32 -6.32
C SER C 172 25.56 -34.51 -6.11
N ASP C 173 24.60 -34.64 -7.01
CA ASP C 173 23.66 -35.74 -6.95
C ASP C 173 22.81 -35.71 -8.20
N ASP C 177 23.66 -39.30 -14.16
CA ASP C 177 22.57 -39.12 -15.17
C ASP C 177 23.09 -38.34 -16.38
N ILE C 178 23.67 -39.06 -17.34
CA ILE C 178 24.24 -38.45 -18.55
C ILE C 178 23.29 -37.47 -19.23
N ASP C 179 21.99 -37.74 -19.13
CA ASP C 179 20.98 -36.88 -19.74
C ASP C 179 20.88 -35.54 -19.02
N ALA C 180 20.99 -35.59 -17.70
CA ALA C 180 20.90 -34.41 -16.87
C ALA C 180 22.14 -33.52 -17.07
N LEU C 181 23.31 -34.13 -17.06
CA LEU C 181 24.54 -33.37 -17.24
C LEU C 181 24.45 -32.60 -18.54
N LYS C 182 23.80 -33.21 -19.51
CA LYS C 182 23.66 -32.59 -20.81
C LYS C 182 22.82 -31.32 -20.81
N VAL C 183 21.65 -31.34 -20.19
CA VAL C 183 20.82 -30.13 -20.19
C VAL C 183 21.45 -29.04 -19.32
N VAL C 184 22.13 -29.44 -18.26
CA VAL C 184 22.79 -28.49 -17.38
C VAL C 184 23.86 -27.79 -18.18
N ALA C 185 24.69 -28.60 -18.83
CA ALA C 185 25.78 -28.12 -19.65
C ALA C 185 25.25 -27.18 -20.74
N ASP C 186 24.36 -27.70 -21.56
CA ASP C 186 23.75 -26.95 -22.65
C ASP C 186 23.08 -25.67 -22.20
N GLY C 187 22.47 -25.70 -21.02
CA GLY C 187 21.79 -24.53 -20.52
C GLY C 187 22.75 -23.42 -20.12
N VAL C 188 23.79 -23.80 -19.38
CA VAL C 188 24.79 -22.84 -18.95
C VAL C 188 25.48 -22.20 -20.15
N ASN C 189 25.43 -22.88 -21.29
CA ASN C 189 26.05 -22.35 -22.49
C ASN C 189 25.10 -21.44 -23.27
N SER C 190 23.81 -21.49 -22.95
CA SER C 190 22.83 -20.66 -23.65
C SER C 190 22.57 -19.36 -22.90
N LEU C 191 22.82 -19.40 -21.59
CA LEU C 191 22.63 -18.24 -20.72
C LEU C 191 23.95 -17.46 -20.60
N ARG C 192 25.00 -17.98 -21.22
CA ARG C 192 26.31 -17.35 -21.21
C ARG C 192 26.24 -16.17 -22.18
N ASP C 193 26.34 -14.96 -21.64
CA ASP C 193 26.25 -13.75 -22.45
C ASP C 193 27.48 -12.86 -22.39
N GLY C 194 28.48 -13.26 -21.61
CA GLY C 194 29.68 -12.47 -21.46
C GLY C 194 29.64 -11.52 -20.27
N LYS C 195 28.47 -11.38 -19.65
CA LYS C 195 28.32 -10.49 -18.49
C LYS C 195 27.83 -11.25 -17.25
N ARG C 196 27.23 -12.41 -17.48
CA ARG C 196 26.72 -13.28 -16.43
C ARG C 196 27.86 -14.23 -15.99
N SER C 197 27.85 -14.64 -14.72
CA SER C 197 28.86 -15.55 -14.19
C SER C 197 28.24 -16.82 -13.64
N PHE C 198 29.08 -17.84 -13.45
CA PHE C 198 28.60 -19.14 -12.97
C PHE C 198 29.53 -19.82 -11.98
N ILE C 199 28.92 -20.41 -10.95
CA ILE C 199 29.65 -21.18 -9.94
C ILE C 199 28.96 -22.53 -9.92
N ILE C 200 29.69 -23.54 -10.40
CA ILE C 200 29.15 -24.89 -10.46
C ILE C 200 29.89 -25.80 -9.50
N VAL C 201 29.14 -26.43 -8.62
CA VAL C 201 29.73 -27.34 -7.66
C VAL C 201 29.42 -28.73 -8.19
N THR C 202 30.45 -29.39 -8.70
CA THR C 202 30.29 -30.72 -9.25
C THR C 202 31.09 -31.73 -8.45
N HIS C 203 30.56 -32.93 -8.28
CA HIS C 203 31.28 -33.96 -7.53
C HIS C 203 32.30 -34.71 -8.38
N TYR C 204 32.19 -34.63 -9.70
CA TYR C 204 33.16 -35.26 -10.60
C TYR C 204 33.29 -34.65 -12.02
N GLN C 205 34.55 -34.51 -12.43
CA GLN C 205 35.05 -33.92 -13.69
C GLN C 205 34.33 -33.99 -15.05
N ARG C 206 33.25 -34.76 -15.17
CA ARG C 206 32.61 -34.91 -16.48
C ARG C 206 31.84 -33.77 -17.13
N ILE C 207 31.00 -33.05 -16.41
CA ILE C 207 30.26 -31.97 -17.06
C ILE C 207 31.18 -30.83 -17.43
N LEU C 208 32.45 -30.95 -17.06
CA LEU C 208 33.41 -29.93 -17.40
C LEU C 208 33.83 -30.18 -18.85
N ASP C 209 33.42 -31.36 -19.33
CA ASP C 209 33.70 -31.78 -20.70
C ASP C 209 32.64 -31.18 -21.62
N TYR C 210 31.55 -30.70 -21.03
CA TYR C 210 30.47 -30.10 -21.80
C TYR C 210 30.47 -28.59 -21.71
N ILE C 211 31.11 -28.06 -20.66
CA ILE C 211 31.15 -26.62 -20.42
C ILE C 211 32.50 -25.97 -20.65
N LYS C 212 33.56 -26.62 -20.17
CA LYS C 212 34.91 -26.08 -20.26
C LYS C 212 34.93 -24.73 -19.55
N PRO C 213 35.19 -24.73 -18.23
CA PRO C 213 35.23 -23.52 -17.39
C PRO C 213 36.42 -22.61 -17.66
N ASP C 214 36.39 -21.45 -17.04
CA ASP C 214 37.48 -20.52 -17.18
C ASP C 214 38.39 -20.89 -16.03
N TYR C 215 37.78 -21.11 -14.88
CA TYR C 215 38.51 -21.46 -13.67
C TYR C 215 37.99 -22.72 -12.99
N VAL C 216 38.90 -23.45 -12.35
CA VAL C 216 38.56 -24.65 -11.61
C VAL C 216 39.20 -24.48 -10.23
N HIS C 217 38.50 -24.90 -9.18
CA HIS C 217 39.03 -24.76 -7.83
C HIS C 217 38.87 -26.02 -7.02
N VAL C 218 39.99 -26.55 -6.52
CA VAL C 218 39.94 -27.74 -5.69
C VAL C 218 39.77 -27.28 -4.26
N LEU C 219 38.76 -27.83 -3.59
CA LEU C 219 38.47 -27.48 -2.22
C LEU C 219 38.72 -28.72 -1.36
N TYR C 220 39.64 -28.59 -0.40
CA TYR C 220 40.01 -29.71 0.46
C TYR C 220 40.04 -29.23 1.92
N GLN C 221 39.33 -29.93 2.80
CA GLN C 221 39.29 -29.56 4.21
C GLN C 221 38.72 -28.19 4.47
N GLY C 222 37.66 -27.84 3.74
CA GLY C 222 37.03 -26.55 3.91
C GLY C 222 37.82 -25.33 3.43
N ARG C 223 38.57 -25.46 2.34
CA ARG C 223 39.38 -24.35 1.79
C ARG C 223 39.79 -24.58 0.34
N ILE C 224 39.72 -23.53 -0.50
CA ILE C 224 40.17 -23.69 -1.89
C ILE C 224 41.67 -23.85 -1.77
N VAL C 225 42.15 -25.00 -2.16
CA VAL C 225 43.53 -25.35 -2.01
C VAL C 225 44.40 -25.28 -3.27
N LYS C 226 43.76 -25.22 -4.44
CA LYS C 226 44.43 -25.17 -5.73
C LYS C 226 43.49 -24.60 -6.80
N SER C 227 43.96 -23.66 -7.62
CA SER C 227 43.12 -23.07 -8.67
C SER C 227 43.84 -23.06 -10.03
N GLY C 228 43.11 -22.73 -11.08
CA GLY C 228 43.70 -22.71 -12.41
C GLY C 228 42.64 -22.76 -13.50
N ASP C 229 43.07 -23.02 -14.73
CA ASP C 229 42.12 -23.10 -15.84
C ASP C 229 41.69 -24.55 -16.00
N PHE C 230 40.93 -24.85 -17.05
CA PHE C 230 40.46 -26.20 -17.25
C PHE C 230 41.56 -27.27 -17.31
N THR C 231 42.80 -26.88 -17.64
CA THR C 231 43.90 -27.84 -17.74
C THR C 231 44.26 -28.42 -16.36
N LEU C 232 43.83 -27.73 -15.30
CA LEU C 232 44.11 -28.12 -13.93
C LEU C 232 43.70 -29.57 -13.65
N VAL C 233 42.54 -29.95 -14.18
CA VAL C 233 42.05 -31.31 -13.97
C VAL C 233 43.03 -32.31 -14.53
N LYS C 234 43.57 -32.05 -15.72
CA LYS C 234 44.53 -32.96 -16.32
C LYS C 234 45.83 -32.94 -15.50
N GLN C 235 46.27 -31.74 -15.14
CA GLN C 235 47.49 -31.58 -14.36
C GLN C 235 47.48 -32.59 -13.22
N LEU C 236 46.54 -32.40 -12.29
CA LEU C 236 46.40 -33.30 -11.14
C LEU C 236 46.33 -34.75 -11.56
N GLU C 237 45.57 -35.03 -12.61
CA GLU C 237 45.45 -36.40 -13.09
C GLU C 237 46.82 -36.98 -13.38
N GLU C 238 47.70 -36.16 -13.95
CA GLU C 238 49.04 -36.62 -14.28
C GLU C 238 49.91 -36.75 -13.02
N GLN C 239 49.94 -35.72 -12.19
CA GLN C 239 50.74 -35.76 -10.97
C GLN C 239 50.21 -36.79 -9.97
N GLY C 240 49.29 -37.65 -10.42
CA GLY C 240 48.72 -38.69 -9.57
C GLY C 240 47.72 -38.28 -8.50
N TYR C 241 47.03 -37.15 -8.72
CA TYR C 241 46.05 -36.64 -7.77
C TYR C 241 44.65 -36.68 -8.34
N GLY C 242 44.29 -37.78 -8.98
CA GLY C 242 42.98 -37.92 -9.58
C GLY C 242 41.82 -37.99 -8.61
N TRP C 243 42.10 -38.38 -7.36
CA TRP C 243 41.04 -38.46 -6.36
C TRP C 243 40.53 -37.08 -5.97
N LEU C 244 41.44 -36.12 -5.86
CA LEU C 244 41.06 -34.77 -5.49
C LEU C 244 39.98 -34.15 -6.36
N MET D 1 -20.52 -39.34 3.52
CA MET D 1 -19.37 -38.53 2.98
C MET D 1 -18.35 -39.44 2.30
N LEU D 2 -17.64 -40.23 3.10
CA LEU D 2 -16.64 -41.13 2.59
C LEU D 2 -17.07 -42.55 2.83
N SER D 3 -16.87 -43.39 1.83
CA SER D 3 -17.21 -44.79 1.96
C SER D 3 -16.13 -45.60 1.24
N ILE D 4 -15.36 -46.35 2.04
CA ILE D 4 -14.31 -47.20 1.54
C ILE D 4 -14.80 -48.62 1.73
N LYS D 5 -14.71 -49.41 0.67
CA LYS D 5 -15.17 -50.80 0.72
C LYS D 5 -14.22 -51.75 0.00
N ASP D 6 -13.77 -52.78 0.73
CA ASP D 6 -12.86 -53.80 0.19
C ASP D 6 -11.61 -53.22 -0.45
N LEU D 7 -11.02 -52.22 0.20
CA LEU D 7 -9.82 -51.57 -0.31
C LEU D 7 -8.57 -52.46 -0.29
N HIS D 8 -7.93 -52.58 -1.44
CA HIS D 8 -6.71 -53.38 -1.60
C HIS D 8 -5.63 -52.49 -2.20
N VAL D 9 -4.59 -52.17 -1.42
CA VAL D 9 -3.52 -51.33 -1.93
C VAL D 9 -2.12 -51.96 -1.82
N SER D 10 -1.26 -51.64 -2.77
CA SER D 10 0.09 -52.19 -2.79
C SER D 10 1.15 -51.12 -2.91
N VAL D 11 2.25 -51.31 -2.19
CA VAL D 11 3.37 -50.38 -2.20
C VAL D 11 4.60 -51.22 -2.53
N GLU D 12 5.27 -50.86 -3.63
CA GLU D 12 6.45 -51.57 -4.10
C GLU D 12 6.14 -53.06 -4.28
N ASP D 13 5.05 -53.33 -4.99
CA ASP D 13 4.61 -54.70 -5.29
C ASP D 13 4.26 -55.56 -4.08
N LYS D 14 4.17 -54.94 -2.91
CA LYS D 14 3.82 -55.70 -1.70
C LYS D 14 2.48 -55.30 -1.11
N ALA D 15 1.68 -56.29 -0.74
CA ALA D 15 0.35 -56.05 -0.18
C ALA D 15 0.40 -55.39 1.19
N ILE D 16 -0.28 -54.25 1.32
CA ILE D 16 -0.33 -53.51 2.57
C ILE D 16 -1.78 -53.54 3.06
N LEU D 17 -2.68 -53.02 2.23
CA LEU D 17 -4.12 -53.01 2.52
C LEU D 17 -4.74 -54.19 1.78
N ARG D 18 -5.40 -55.07 2.52
CA ARG D 18 -6.01 -56.25 1.92
C ARG D 18 -7.51 -56.37 2.14
N GLY D 19 -8.24 -55.37 1.67
CA GLY D 19 -9.69 -55.40 1.81
C GLY D 19 -10.25 -54.59 2.95
N LEU D 20 -9.80 -53.35 3.09
CA LEU D 20 -10.29 -52.48 4.15
C LEU D 20 -11.67 -51.92 3.79
N SER D 21 -12.50 -51.71 4.81
CA SER D 21 -13.82 -51.15 4.63
C SER D 21 -14.01 -50.11 5.73
N LEU D 22 -14.45 -48.90 5.37
CA LEU D 22 -14.66 -47.84 6.37
C LEU D 22 -15.52 -46.68 5.87
N ASP D 23 -16.56 -46.39 6.64
CA ASP D 23 -17.52 -45.34 6.32
C ASP D 23 -17.43 -44.13 7.26
N VAL D 24 -17.25 -42.95 6.68
CA VAL D 24 -17.16 -41.75 7.48
C VAL D 24 -18.16 -40.70 7.03
N HIS D 25 -18.98 -40.24 7.98
CA HIS D 25 -19.99 -39.24 7.69
C HIS D 25 -19.65 -37.90 8.36
N PRO D 26 -20.29 -36.80 7.91
CA PRO D 26 -20.07 -35.46 8.45
C PRO D 26 -20.12 -35.36 9.97
N GLY D 27 -19.25 -34.54 10.53
CA GLY D 27 -19.25 -34.36 11.97
C GLY D 27 -18.68 -35.47 12.83
N GLU D 28 -17.94 -36.41 12.26
CA GLU D 28 -17.36 -37.49 13.06
C GLU D 28 -15.84 -37.47 13.09
N VAL D 29 -15.29 -37.87 14.23
CA VAL D 29 -13.86 -37.96 14.42
C VAL D 29 -13.53 -39.45 14.56
N HIS D 30 -12.82 -40.01 13.59
CA HIS D 30 -12.45 -41.42 13.67
C HIS D 30 -10.98 -41.57 14.04
N ALA D 31 -10.71 -42.42 15.02
CA ALA D 31 -9.35 -42.67 15.49
C ALA D 31 -8.99 -44.04 14.99
N ILE D 32 -7.93 -44.13 14.17
CA ILE D 32 -7.48 -45.40 13.61
C ILE D 32 -6.09 -45.66 14.14
N MET D 33 -5.94 -46.76 14.87
CA MET D 33 -4.65 -47.09 15.45
C MET D 33 -4.30 -48.55 15.26
N GLY D 34 -3.07 -48.90 15.61
CA GLY D 34 -2.61 -50.28 15.47
C GLY D 34 -1.13 -50.37 15.19
N PRO D 35 -0.55 -51.58 15.20
CA PRO D 35 0.87 -51.84 14.94
C PRO D 35 1.31 -51.23 13.60
N ASN D 36 2.31 -50.35 13.63
CA ASN D 36 2.79 -49.68 12.42
C ASN D 36 3.12 -50.68 11.30
N GLY D 37 3.10 -50.19 10.06
CA GLY D 37 3.40 -51.02 8.90
C GLY D 37 2.23 -51.91 8.53
N SER D 38 1.24 -52.00 9.42
CA SER D 38 0.05 -52.82 9.20
C SER D 38 -1.02 -52.11 8.35
N GLY D 39 -0.69 -50.93 7.83
CA GLY D 39 -1.63 -50.22 6.99
C GLY D 39 -2.19 -48.90 7.50
N LYS D 40 -1.56 -48.31 8.51
CA LYS D 40 -2.05 -47.06 9.07
C LYS D 40 -1.67 -45.80 8.26
N SER D 41 -0.48 -45.77 7.68
CA SER D 41 -0.10 -44.60 6.91
C SER D 41 -0.46 -44.68 5.42
N THR D 42 -0.24 -45.84 4.81
CA THR D 42 -0.54 -45.96 3.39
C THR D 42 -2.03 -45.77 3.11
N LEU D 43 -2.86 -45.98 4.13
CA LEU D 43 -4.29 -45.80 3.99
C LEU D 43 -4.50 -44.31 3.78
N SER D 44 -3.99 -43.52 4.72
CA SER D 44 -4.12 -42.06 4.63
C SER D 44 -3.47 -41.50 3.37
N ALA D 45 -2.36 -42.08 2.97
CA ALA D 45 -1.64 -41.64 1.78
C ALA D 45 -2.39 -42.05 0.50
N THR D 46 -3.41 -42.88 0.64
CA THR D 46 -4.18 -43.28 -0.53
C THR D 46 -5.37 -42.35 -0.74
N LEU D 47 -5.90 -41.75 0.33
CA LEU D 47 -7.05 -40.84 0.20
C LEU D 47 -6.62 -39.53 -0.44
N ALA D 48 -5.33 -39.41 -0.66
CA ALA D 48 -4.75 -38.26 -1.31
C ALA D 48 -3.76 -38.92 -2.23
N GLY D 49 -3.96 -38.78 -3.53
CA GLY D 49 -3.06 -39.38 -4.48
C GLY D 49 -1.68 -38.77 -4.47
N ARG D 50 -1.22 -38.34 -3.30
CA ARG D 50 0.08 -37.72 -3.16
C ARG D 50 1.17 -38.69 -3.62
N GLU D 51 1.32 -39.79 -2.90
CA GLU D 51 2.29 -40.81 -3.27
C GLU D 51 1.55 -41.63 -4.30
N ASP D 52 2.27 -42.45 -5.05
CA ASP D 52 1.58 -43.25 -6.04
C ASP D 52 1.73 -44.74 -5.82
N TYR D 53 0.87 -45.25 -4.93
CA TYR D 53 0.82 -46.66 -4.62
C TYR D 53 -0.08 -47.22 -5.71
N GLU D 54 -0.58 -48.43 -5.51
CA GLU D 54 -1.47 -49.01 -6.50
C GLU D 54 -2.64 -49.74 -5.88
N VAL D 55 -3.85 -49.25 -6.14
CA VAL D 55 -5.06 -49.87 -5.66
C VAL D 55 -5.31 -51.09 -6.54
N THR D 56 -5.24 -52.28 -5.94
CA THR D 56 -5.46 -53.51 -6.69
C THR D 56 -6.93 -53.90 -6.76
N GLY D 57 -7.71 -53.48 -5.78
CA GLY D 57 -9.12 -53.81 -5.79
C GLY D 57 -9.89 -52.90 -4.86
N GLY D 58 -11.19 -53.14 -4.75
CA GLY D 58 -12.00 -52.33 -3.87
C GLY D 58 -12.37 -50.97 -4.40
N THR D 59 -13.20 -50.27 -3.64
CA THR D 59 -13.67 -48.95 -4.05
C THR D 59 -13.62 -47.87 -2.95
N VAL D 60 -13.45 -46.63 -3.38
CA VAL D 60 -13.42 -45.51 -2.47
C VAL D 60 -14.28 -44.40 -3.06
N GLU D 61 -15.40 -44.11 -2.40
CA GLU D 61 -16.31 -43.08 -2.86
C GLU D 61 -16.28 -41.89 -1.90
N PHE D 62 -16.44 -40.70 -2.48
CA PHE D 62 -16.43 -39.48 -1.71
C PHE D 62 -17.53 -38.54 -2.20
N LYS D 63 -18.64 -38.54 -1.44
CA LYS D 63 -19.82 -37.72 -1.74
C LYS D 63 -20.49 -38.17 -3.03
N GLY D 64 -20.40 -39.46 -3.33
CA GLY D 64 -21.01 -39.98 -4.53
C GLY D 64 -20.11 -39.86 -5.76
N LYS D 65 -18.81 -39.91 -5.53
CA LYS D 65 -17.86 -39.81 -6.64
C LYS D 65 -16.68 -40.76 -6.41
N ASP D 66 -16.10 -41.26 -7.50
CA ASP D 66 -14.95 -42.15 -7.43
C ASP D 66 -13.71 -41.32 -7.08
N LEU D 67 -13.43 -41.17 -5.79
CA LEU D 67 -12.30 -40.38 -5.32
C LEU D 67 -10.97 -40.84 -5.93
N LEU D 68 -10.84 -42.14 -6.16
CA LEU D 68 -9.62 -42.72 -6.72
C LEU D 68 -9.38 -42.18 -8.13
N ALA D 69 -10.43 -41.58 -8.70
CA ALA D 69 -10.37 -41.02 -10.03
C ALA D 69 -9.60 -39.69 -10.06
N LEU D 70 -10.04 -38.73 -9.25
CA LEU D 70 -9.38 -37.42 -9.22
C LEU D 70 -7.89 -37.53 -8.92
N SER D 71 -7.20 -36.42 -9.15
CA SER D 71 -5.76 -36.34 -8.88
C SER D 71 -5.63 -35.74 -7.49
N PRO D 72 -4.46 -35.87 -6.87
CA PRO D 72 -4.28 -35.32 -5.51
C PRO D 72 -4.76 -33.88 -5.35
N GLU D 73 -4.48 -33.04 -6.35
CA GLU D 73 -4.91 -31.64 -6.28
C GLU D 73 -6.45 -31.53 -6.42
N ASP D 74 -7.04 -32.39 -7.23
CA ASP D 74 -8.49 -32.36 -7.44
C ASP D 74 -9.28 -32.92 -6.25
N ARG D 75 -8.63 -33.77 -5.44
CA ARG D 75 -9.30 -34.30 -4.26
C ARG D 75 -9.31 -33.17 -3.24
N ALA D 76 -8.31 -32.29 -3.34
CA ALA D 76 -8.25 -31.14 -2.43
C ALA D 76 -9.45 -30.27 -2.76
N GLY D 77 -9.71 -30.07 -4.05
CA GLY D 77 -10.84 -29.25 -4.43
C GLY D 77 -12.16 -29.84 -3.94
N GLU D 78 -12.24 -31.16 -3.93
CA GLU D 78 -13.45 -31.83 -3.50
C GLU D 78 -13.67 -31.73 -2.00
N GLY D 79 -12.61 -31.45 -1.26
CA GLY D 79 -12.76 -31.31 0.18
C GLY D 79 -11.82 -32.14 1.05
N ILE D 80 -11.15 -33.12 0.44
CA ILE D 80 -10.22 -33.97 1.17
C ILE D 80 -8.94 -33.17 1.41
N PHE D 81 -8.52 -33.10 2.68
CA PHE D 81 -7.33 -32.35 3.04
C PHE D 81 -6.29 -33.10 3.87
N MET D 82 -5.02 -32.77 3.63
CA MET D 82 -3.92 -33.35 4.39
C MET D 82 -2.82 -32.31 4.47
N ALA D 83 -2.37 -32.00 5.67
CA ALA D 83 -1.33 -31.00 5.86
C ALA D 83 -0.18 -31.15 4.87
N PHE D 84 0.35 -30.01 4.42
CA PHE D 84 1.44 -29.99 3.46
C PHE D 84 2.60 -29.08 3.89
N GLN D 85 3.69 -29.13 3.12
CA GLN D 85 4.84 -28.31 3.43
C GLN D 85 4.91 -27.06 2.55
N TYR D 86 5.27 -25.94 3.17
CA TYR D 86 5.38 -24.69 2.45
C TYR D 86 6.62 -24.74 1.61
N PRO D 87 6.57 -24.13 0.42
CA PRO D 87 7.77 -24.14 -0.43
C PRO D 87 8.94 -23.45 0.27
N VAL D 88 10.15 -23.75 -0.20
CA VAL D 88 11.38 -23.22 0.40
C VAL D 88 12.09 -22.14 -0.38
N GLU D 89 12.29 -21.01 0.29
CA GLU D 89 12.97 -19.83 -0.24
C GLU D 89 12.64 -19.45 -1.68
N ILE D 90 11.36 -19.47 -2.04
CA ILE D 90 10.94 -19.07 -3.38
C ILE D 90 10.65 -17.57 -3.31
N PRO D 91 11.45 -16.76 -4.00
CA PRO D 91 11.24 -15.31 -3.96
C PRO D 91 9.80 -14.87 -4.21
N GLY D 92 9.27 -14.04 -3.31
CA GLY D 92 7.92 -13.54 -3.43
C GLY D 92 6.84 -14.46 -2.88
N VAL D 93 7.20 -15.71 -2.59
CA VAL D 93 6.21 -16.67 -2.08
C VAL D 93 6.35 -17.04 -0.61
N SER D 94 5.77 -16.21 0.24
CA SER D 94 5.80 -16.42 1.68
C SER D 94 4.78 -17.48 2.07
N ASN D 95 4.91 -17.98 3.29
CA ASN D 95 4.00 -18.99 3.79
C ASN D 95 2.55 -18.51 3.68
N GLN D 96 2.29 -17.26 4.08
CA GLN D 96 0.92 -16.74 3.99
C GLN D 96 0.46 -16.56 2.54
N PHE D 97 1.38 -16.19 1.66
CA PHE D 97 1.02 -16.00 0.25
C PHE D 97 0.59 -17.31 -0.42
N PHE D 98 1.27 -18.38 -0.02
CA PHE D 98 1.02 -19.69 -0.55
C PHE D 98 -0.25 -20.31 0.04
N LEU D 99 -0.46 -20.11 1.35
CA LEU D 99 -1.66 -20.61 2.00
C LEU D 99 -2.85 -19.98 1.28
N GLN D 100 -2.71 -18.69 0.99
CA GLN D 100 -3.77 -17.94 0.30
C GLN D 100 -4.00 -18.44 -1.11
N THR D 101 -2.92 -18.81 -1.79
CA THR D 101 -3.09 -19.31 -3.14
C THR D 101 -3.78 -20.66 -3.07
N ALA D 102 -3.48 -21.43 -2.03
CA ALA D 102 -4.11 -22.74 -1.88
C ALA D 102 -5.62 -22.58 -1.62
N LEU D 103 -5.99 -21.67 -0.73
CA LEU D 103 -7.39 -21.45 -0.43
C LEU D 103 -8.18 -21.01 -1.66
N ASN D 104 -7.61 -20.11 -2.45
CA ASN D 104 -8.32 -19.62 -3.63
C ASN D 104 -8.38 -20.68 -4.71
N ALA D 105 -7.35 -21.51 -4.80
CA ALA D 105 -7.33 -22.57 -5.80
C ALA D 105 -8.54 -23.50 -5.55
N VAL D 106 -8.88 -23.71 -4.28
CA VAL D 106 -10.01 -24.57 -3.95
C VAL D 106 -11.36 -23.86 -4.08
N ARG D 107 -11.39 -22.55 -3.81
CA ARG D 107 -12.64 -21.81 -3.95
C ARG D 107 -13.04 -21.76 -5.43
N SER D 108 -12.08 -21.41 -6.29
CA SER D 108 -12.38 -21.36 -7.71
C SER D 108 -12.84 -22.75 -8.19
N TYR D 109 -12.14 -23.80 -7.77
CA TYR D 109 -12.51 -25.16 -8.14
C TYR D 109 -13.98 -25.36 -7.75
N ARG D 110 -14.31 -24.90 -6.56
CA ARG D 110 -15.65 -25.03 -6.03
C ARG D 110 -16.61 -24.04 -6.69
N GLY D 111 -16.07 -23.13 -7.50
CA GLY D 111 -16.91 -22.13 -8.14
C GLY D 111 -17.24 -20.96 -7.22
N GLN D 112 -16.33 -20.61 -6.31
CA GLN D 112 -16.54 -19.51 -5.39
C GLN D 112 -15.60 -18.36 -5.68
N GLU D 113 -15.93 -17.18 -5.17
CA GLU D 113 -15.09 -16.01 -5.37
C GLU D 113 -13.85 -16.08 -4.51
N THR D 114 -12.70 -15.89 -5.14
CA THR D 114 -11.41 -15.93 -4.47
C THR D 114 -11.28 -14.79 -3.46
N LEU D 115 -10.43 -14.99 -2.45
CA LEU D 115 -10.21 -13.99 -1.41
C LEU D 115 -9.04 -13.12 -1.79
N ASP D 116 -9.17 -11.82 -1.50
CA ASP D 116 -8.10 -10.86 -1.78
C ASP D 116 -7.07 -10.90 -0.65
N ARG D 117 -5.99 -10.17 -0.84
CA ARG D 117 -4.92 -10.11 0.16
C ARG D 117 -5.44 -9.66 1.53
N PHE D 118 -6.43 -8.77 1.54
CA PHE D 118 -6.97 -8.20 2.77
C PHE D 118 -8.02 -9.03 3.51
N ASP D 119 -9.05 -9.49 2.80
CA ASP D 119 -10.06 -10.31 3.48
C ASP D 119 -9.43 -11.63 3.90
N PHE D 120 -8.30 -12.00 3.29
CA PHE D 120 -7.63 -13.23 3.67
C PHE D 120 -6.85 -12.94 4.94
N GLN D 121 -6.38 -11.69 5.05
CA GLN D 121 -5.62 -11.28 6.21
C GLN D 121 -6.54 -11.33 7.42
N ASP D 122 -7.80 -10.94 7.19
CA ASP D 122 -8.82 -10.93 8.23
C ASP D 122 -9.09 -12.34 8.70
N LEU D 123 -9.18 -13.23 7.72
CA LEU D 123 -9.45 -14.64 7.96
C LEU D 123 -8.33 -15.24 8.78
N MET D 124 -7.10 -14.99 8.37
CA MET D 124 -5.98 -15.53 9.11
C MET D 124 -5.96 -15.05 10.55
N GLU D 125 -6.42 -13.81 10.78
CA GLU D 125 -6.48 -13.25 12.12
C GLU D 125 -7.45 -14.05 12.99
N GLU D 126 -8.59 -14.41 12.41
CA GLU D 126 -9.60 -15.15 13.14
C GLU D 126 -9.07 -16.50 13.64
N LYS D 127 -8.74 -17.41 12.72
CA LYS D 127 -8.24 -18.73 13.08
C LYS D 127 -7.03 -18.66 14.00
N ILE D 128 -6.14 -17.70 13.76
CA ILE D 128 -4.99 -17.60 14.64
C ILE D 128 -5.51 -17.26 16.03
N ALA D 129 -6.59 -16.48 16.06
CA ALA D 129 -7.20 -16.07 17.31
C ALA D 129 -8.03 -17.22 17.90
N LEU D 130 -8.83 -17.87 17.05
CA LEU D 130 -9.68 -18.98 17.50
C LEU D 130 -8.83 -20.13 18.02
N LEU D 131 -7.71 -20.42 17.36
CA LEU D 131 -6.87 -21.53 17.81
C LEU D 131 -5.78 -21.09 18.78
N LYS D 132 -5.86 -19.84 19.23
CA LYS D 132 -4.90 -19.27 20.18
C LYS D 132 -3.50 -19.60 19.70
N MET D 133 -3.22 -19.21 18.46
CA MET D 133 -1.95 -19.51 17.83
C MET D 133 -1.05 -18.28 17.84
N PRO D 134 0.28 -18.48 17.90
CA PRO D 134 1.21 -17.34 17.89
C PRO D 134 1.03 -16.47 16.64
N GLU D 135 0.51 -15.26 16.84
CA GLU D 135 0.25 -14.29 15.77
C GLU D 135 1.27 -14.23 14.63
N ASP D 136 2.52 -14.58 14.92
CA ASP D 136 3.56 -14.55 13.89
C ASP D 136 4.00 -15.97 13.49
N LEU D 137 3.02 -16.87 13.41
CA LEU D 137 3.24 -18.27 13.07
C LEU D 137 3.82 -18.51 11.67
N LEU D 138 3.36 -17.74 10.69
CA LEU D 138 3.82 -17.89 9.31
C LEU D 138 5.15 -17.25 8.94
N THR D 139 5.83 -16.67 9.92
CA THR D 139 7.13 -16.04 9.67
C THR D 139 8.10 -16.36 10.79
N ARG D 140 7.54 -16.84 11.90
CA ARG D 140 8.31 -17.19 13.07
C ARG D 140 9.45 -18.15 12.76
N SER D 141 10.25 -18.41 13.79
CA SER D 141 11.38 -19.34 13.70
C SER D 141 11.55 -19.83 15.14
N VAL D 142 11.78 -21.13 15.31
CA VAL D 142 11.92 -21.64 16.67
C VAL D 142 13.12 -22.56 16.90
N ASN D 143 13.39 -22.80 18.18
CA ASN D 143 14.48 -23.65 18.60
C ASN D 143 14.04 -25.09 18.40
N VAL D 144 14.98 -25.97 18.03
CA VAL D 144 14.65 -27.37 17.80
C VAL D 144 13.75 -27.98 18.85
N GLY D 145 13.83 -27.48 20.08
CA GLY D 145 12.97 -28.02 21.12
C GLY D 145 11.48 -27.71 20.95
N PHE D 146 11.13 -26.90 19.97
CA PHE D 146 9.73 -26.56 19.73
C PHE D 146 9.26 -27.04 18.37
N SER D 147 10.21 -27.39 17.51
CA SER D 147 9.88 -27.85 16.16
C SER D 147 8.72 -28.85 16.10
N GLY D 148 8.73 -29.84 17.00
CA GLY D 148 7.67 -30.83 17.02
C GLY D 148 6.31 -30.20 16.92
N GLY D 149 5.85 -29.61 18.02
CA GLY D 149 4.55 -28.95 18.03
C GLY D 149 4.41 -27.86 16.99
N GLU D 150 5.52 -27.28 16.53
CA GLU D 150 5.49 -26.20 15.55
C GLU D 150 4.95 -26.66 14.18
N LYS D 151 5.45 -27.79 13.71
CA LYS D 151 4.98 -28.30 12.43
C LYS D 151 3.48 -28.51 12.60
N LYS D 152 3.09 -29.11 13.71
CA LYS D 152 1.67 -29.35 13.95
C LYS D 152 0.80 -28.08 14.05
N ARG D 153 1.32 -26.99 14.62
CA ARG D 153 0.51 -25.77 14.67
C ARG D 153 0.27 -25.35 13.23
N ASN D 154 1.29 -25.47 12.41
CA ASN D 154 1.18 -25.09 11.03
C ASN D 154 0.22 -25.98 10.26
N ASP D 155 0.05 -27.21 10.73
CA ASP D 155 -0.86 -28.12 10.05
C ASP D 155 -2.31 -27.80 10.39
N ILE D 156 -2.57 -27.52 11.65
CA ILE D 156 -3.91 -27.18 12.10
C ILE D 156 -4.33 -25.84 11.49
N LEU D 157 -3.38 -24.92 11.35
CA LEU D 157 -3.71 -23.61 10.79
C LEU D 157 -4.17 -23.73 9.36
N GLN D 158 -3.55 -24.66 8.64
CA GLN D 158 -3.91 -24.93 7.25
C GLN D 158 -5.33 -25.46 7.24
N MET D 159 -5.63 -26.32 8.21
CA MET D 159 -6.94 -26.94 8.38
C MET D 159 -8.03 -25.93 8.73
N ALA D 160 -7.66 -24.91 9.49
CA ALA D 160 -8.62 -23.88 9.86
C ALA D 160 -8.87 -22.98 8.66
N VAL D 161 -7.79 -22.60 7.98
CA VAL D 161 -7.93 -21.71 6.84
C VAL D 161 -8.50 -22.32 5.56
N LEU D 162 -8.31 -23.61 5.36
CA LEU D 162 -8.77 -24.27 4.14
C LEU D 162 -10.19 -24.79 4.04
N GLU D 163 -10.96 -24.67 5.12
CA GLU D 163 -12.36 -25.11 5.12
C GLU D 163 -12.50 -26.49 4.45
N PRO D 164 -11.90 -27.53 5.06
CA PRO D 164 -11.96 -28.87 4.50
C PRO D 164 -13.21 -29.60 4.96
N GLU D 165 -13.66 -30.57 4.17
CA GLU D 165 -14.84 -31.36 4.54
C GLU D 165 -14.36 -32.50 5.42
N LEU D 166 -13.31 -33.17 4.96
CA LEU D 166 -12.68 -34.31 5.62
C LEU D 166 -11.17 -34.11 5.67
N CYS D 167 -10.60 -34.11 6.86
CA CYS D 167 -9.16 -33.94 6.95
C CYS D 167 -8.52 -35.24 7.42
N ILE D 168 -7.45 -35.64 6.76
CA ILE D 168 -6.72 -36.83 7.13
C ILE D 168 -5.58 -36.36 8.02
N LEU D 169 -5.31 -37.10 9.10
CA LEU D 169 -4.21 -36.76 10.02
C LEU D 169 -3.34 -37.96 10.36
N ASP D 170 -2.08 -37.88 9.95
CA ASP D 170 -1.15 -38.97 10.22
C ASP D 170 -0.26 -38.67 11.41
N GLU D 171 -0.70 -39.10 12.57
CA GLU D 171 0.03 -38.91 13.82
C GLU D 171 0.67 -40.22 14.27
N SER D 172 1.61 -40.73 13.47
CA SER D 172 2.27 -41.98 13.80
C SER D 172 3.77 -41.80 13.86
N ASP D 173 4.25 -40.69 13.31
CA ASP D 173 5.69 -40.38 13.28
C ASP D 173 6.26 -40.35 14.70
N GLY D 175 7.52 -39.59 17.58
CA GLY D 175 8.62 -38.89 18.29
C GLY D 175 8.36 -38.67 19.77
N LEU D 176 7.16 -39.07 20.21
CA LEU D 176 6.78 -38.92 21.61
C LEU D 176 6.48 -37.47 22.01
N ASP D 177 6.45 -36.55 21.05
CA ASP D 177 6.18 -35.14 21.33
C ASP D 177 4.83 -34.98 22.01
N ILE D 178 4.84 -34.74 23.32
CA ILE D 178 3.61 -34.59 24.06
C ILE D 178 2.99 -33.22 23.77
N ASP D 179 3.83 -32.21 23.60
CA ASP D 179 3.36 -30.86 23.30
C ASP D 179 2.75 -30.81 21.89
N ALA D 180 3.37 -31.53 20.96
CA ALA D 180 2.87 -31.56 19.58
C ALA D 180 1.54 -32.27 19.54
N LEU D 181 1.48 -33.47 20.11
CA LEU D 181 0.23 -34.23 20.13
C LEU D 181 -0.85 -33.38 20.78
N LYS D 182 -0.44 -32.60 21.78
CA LYS D 182 -1.33 -31.73 22.51
C LYS D 182 -1.90 -30.65 21.59
N VAL D 183 -1.16 -30.23 20.56
CA VAL D 183 -1.66 -29.19 19.65
C VAL D 183 -2.58 -29.82 18.62
N VAL D 184 -2.30 -31.06 18.24
CA VAL D 184 -3.15 -31.73 17.29
C VAL D 184 -4.53 -31.88 17.91
N ALA D 185 -4.57 -32.63 19.00
CA ALA D 185 -5.81 -32.87 19.74
C ALA D 185 -6.60 -31.58 19.96
N ASP D 186 -5.88 -30.50 20.27
CA ASP D 186 -6.51 -29.22 20.54
C ASP D 186 -7.08 -28.56 19.31
N GLY D 187 -6.37 -28.66 18.19
CA GLY D 187 -6.86 -28.07 16.96
C GLY D 187 -8.13 -28.78 16.54
N VAL D 188 -8.08 -30.11 16.49
CA VAL D 188 -9.24 -30.87 16.08
C VAL D 188 -10.46 -30.50 16.90
N ASN D 189 -10.31 -30.45 18.20
CA ASN D 189 -11.42 -30.08 19.06
C ASN D 189 -11.94 -28.69 18.68
N SER D 190 -11.02 -27.79 18.42
CA SER D 190 -11.37 -26.43 18.06
C SER D 190 -12.00 -26.38 16.67
N LEU D 191 -11.86 -27.46 15.92
CA LEU D 191 -12.38 -27.51 14.54
C LEU D 191 -13.48 -28.53 14.33
N ARG D 192 -14.17 -28.90 15.41
CA ARG D 192 -15.22 -29.90 15.30
C ARG D 192 -16.61 -29.32 15.29
N ASP D 193 -17.08 -28.87 14.12
CA ASP D 193 -18.43 -28.35 14.06
C ASP D 193 -19.32 -29.58 13.95
N GLY D 194 -20.19 -29.61 12.96
CA GLY D 194 -21.04 -30.78 12.82
C GLY D 194 -20.97 -31.35 11.42
N LYS D 195 -20.27 -30.66 10.53
CA LYS D 195 -20.16 -31.11 9.16
C LYS D 195 -18.80 -31.65 8.75
N ARG D 196 -17.77 -31.29 9.49
CA ARG D 196 -16.42 -31.76 9.18
C ARG D 196 -16.11 -33.10 9.83
N SER D 197 -15.36 -33.93 9.11
CA SER D 197 -14.98 -35.23 9.60
C SER D 197 -13.45 -35.32 9.60
N PHE D 198 -12.94 -36.13 10.51
CA PHE D 198 -11.51 -36.29 10.63
C PHE D 198 -11.14 -37.74 10.73
N ILE D 199 -10.01 -38.07 10.10
CA ILE D 199 -9.46 -39.41 10.15
C ILE D 199 -8.05 -39.24 10.72
N ILE D 200 -7.90 -39.58 12.00
CA ILE D 200 -6.62 -39.46 12.67
C ILE D 200 -6.00 -40.83 12.73
N VAL D 201 -4.81 -40.97 12.16
CA VAL D 201 -4.13 -42.24 12.18
C VAL D 201 -3.04 -42.08 13.23
N THR D 202 -2.85 -43.09 14.07
CA THR D 202 -1.85 -43.00 15.13
C THR D 202 -1.46 -44.36 15.71
N HIS D 203 -0.16 -44.55 15.99
CA HIS D 203 0.28 -45.81 16.60
C HIS D 203 0.28 -45.62 18.10
N TYR D 204 0.82 -44.48 18.56
CA TYR D 204 0.88 -44.17 19.98
C TYR D 204 -0.49 -43.72 20.50
N GLN D 205 -1.36 -44.69 20.75
CA GLN D 205 -2.70 -44.43 21.26
C GLN D 205 -2.66 -43.76 22.62
N ARG D 206 -2.72 -42.43 22.63
CA ARG D 206 -2.70 -41.67 23.85
C ARG D 206 -3.50 -40.39 23.62
N ILE D 207 -3.38 -39.85 22.40
CA ILE D 207 -4.09 -38.63 22.03
C ILE D 207 -5.60 -38.92 22.03
N LEU D 208 -5.93 -40.20 22.14
CA LEU D 208 -7.33 -40.62 22.16
C LEU D 208 -7.94 -40.03 23.43
N ASP D 209 -7.20 -40.16 24.52
CA ASP D 209 -7.63 -39.63 25.81
C ASP D 209 -7.35 -38.14 25.84
N TYR D 210 -7.37 -37.54 24.65
CA TYR D 210 -7.12 -36.11 24.51
C TYR D 210 -8.20 -35.44 23.64
N ILE D 211 -8.90 -36.22 22.83
CA ILE D 211 -9.95 -35.67 21.98
C ILE D 211 -11.30 -36.40 22.10
N LYS D 212 -11.29 -37.63 22.58
CA LYS D 212 -12.53 -38.40 22.69
C LYS D 212 -13.19 -38.57 21.31
N PRO D 213 -12.63 -39.47 20.47
CA PRO D 213 -13.13 -39.76 19.13
C PRO D 213 -14.55 -40.28 19.17
N ASP D 214 -15.22 -40.28 18.02
CA ASP D 214 -16.57 -40.79 17.95
C ASP D 214 -16.42 -42.28 17.68
N TYR D 215 -15.41 -42.62 16.91
CA TYR D 215 -15.15 -44.01 16.59
C TYR D 215 -13.66 -44.27 16.65
N VAL D 216 -13.32 -45.53 16.87
CA VAL D 216 -11.93 -45.97 16.94
C VAL D 216 -11.85 -47.28 16.17
N HIS D 217 -10.86 -47.41 15.30
CA HIS D 217 -10.72 -48.63 14.53
C HIS D 217 -9.33 -49.20 14.74
N VAL D 218 -9.24 -50.51 14.92
CA VAL D 218 -7.95 -51.14 15.11
C VAL D 218 -7.52 -51.76 13.80
N LEU D 219 -6.37 -51.32 13.30
CA LEU D 219 -5.86 -51.80 12.04
C LEU D 219 -4.73 -52.84 12.22
N TYR D 220 -4.89 -53.97 11.55
CA TYR D 220 -3.89 -55.04 11.58
C TYR D 220 -3.83 -55.65 10.19
N GLN D 221 -2.63 -55.69 9.63
CA GLN D 221 -2.40 -56.24 8.28
C GLN D 221 -3.45 -55.78 7.25
N GLY D 222 -3.57 -54.45 7.10
CA GLY D 222 -4.49 -53.84 6.15
C GLY D 222 -5.98 -54.09 6.34
N ARG D 223 -6.42 -54.32 7.56
CA ARG D 223 -7.83 -54.59 7.82
C ARG D 223 -8.28 -54.08 9.18
N ILE D 224 -9.41 -53.38 9.20
CA ILE D 224 -9.97 -52.91 10.47
C ILE D 224 -10.37 -54.22 11.15
N VAL D 225 -9.77 -54.52 12.29
CA VAL D 225 -10.10 -55.76 12.99
C VAL D 225 -11.24 -55.60 13.99
N LYS D 226 -11.27 -54.46 14.66
CA LYS D 226 -12.29 -54.16 15.67
C LYS D 226 -12.51 -52.65 15.71
N SER D 227 -13.70 -52.22 16.15
CA SER D 227 -13.98 -50.79 16.28
C SER D 227 -15.24 -50.50 17.08
N GLY D 228 -15.18 -49.45 17.90
CA GLY D 228 -16.32 -49.06 18.71
C GLY D 228 -16.25 -47.56 18.98
N ASP D 229 -16.70 -47.14 20.16
CA ASP D 229 -16.67 -45.73 20.53
C ASP D 229 -15.29 -45.39 21.08
N PHE D 230 -15.21 -44.36 21.94
CA PHE D 230 -13.92 -43.98 22.51
C PHE D 230 -13.69 -44.74 23.80
N THR D 231 -14.55 -45.72 24.06
CA THR D 231 -14.46 -46.55 25.26
C THR D 231 -13.86 -47.89 24.85
N LEU D 232 -13.86 -48.13 23.54
CA LEU D 232 -13.33 -49.35 22.96
C LEU D 232 -12.03 -49.78 23.66
N VAL D 233 -11.16 -48.82 23.96
CA VAL D 233 -9.91 -49.14 24.63
C VAL D 233 -10.18 -49.90 25.92
N LYS D 234 -11.14 -49.42 26.71
CA LYS D 234 -11.48 -50.06 27.97
C LYS D 234 -12.21 -51.38 27.78
N GLN D 235 -13.22 -51.40 26.91
CA GLN D 235 -13.97 -52.62 26.65
C GLN D 235 -13.01 -53.76 26.31
N LEU D 236 -11.95 -53.44 25.58
CA LEU D 236 -10.96 -54.45 25.20
C LEU D 236 -10.15 -54.95 26.41
N GLU D 237 -9.62 -54.03 27.21
CA GLU D 237 -8.85 -54.38 28.40
C GLU D 237 -9.69 -55.13 29.43
N GLU D 238 -11.00 -55.10 29.26
CA GLU D 238 -11.91 -55.78 30.16
C GLU D 238 -12.34 -57.12 29.57
N GLN D 239 -12.42 -57.20 28.24
CA GLN D 239 -12.83 -58.44 27.61
C GLN D 239 -11.62 -59.37 27.49
N GLY D 240 -10.47 -58.86 27.90
CA GLY D 240 -9.24 -59.63 27.84
C GLY D 240 -8.59 -59.57 26.48
N TYR D 241 -8.50 -58.36 25.92
CA TYR D 241 -7.89 -58.13 24.61
C TYR D 241 -7.21 -56.78 24.57
N GLY D 242 -6.77 -56.31 25.73
CA GLY D 242 -6.12 -55.02 25.80
C GLY D 242 -4.85 -54.93 24.96
N TRP D 243 -4.21 -56.07 24.70
CA TRP D 243 -2.98 -56.09 23.90
C TRP D 243 -3.16 -55.55 22.48
N LEU D 244 -4.37 -55.69 21.92
CA LEU D 244 -4.64 -55.19 20.58
C LEU D 244 -4.17 -53.76 20.42
#